data_5BYG
#
_entry.id   5BYG
#
_cell.length_a   183.136
_cell.length_b   79.595
_cell.length_c   139.502
_cell.angle_alpha   90.00
_cell.angle_beta   98.12
_cell.angle_gamma   90.00
#
_symmetry.space_group_name_H-M   'C 1 2 1'
#
loop_
_entity.id
_entity.type
_entity.pdbx_description
1 polymer 'Protein Rep78'
2 polymer "DNA (5'-D(*CP*TP*CP*GP*GP*CP*GP*CP*TP*CP*GP*CP*TP*CP*GP*CP*TP*CP*GP*CP*T)-3')"
3 polymer "DNA (5'-D(*GP*AP*GP*CP*GP*AP*GP*CP*GP*AP*GP*CP*GP*AP*GP*CP*GP*CP*CP*GP*A)-3')"
4 non-polymer 'MAGNESIUM ION'
5 non-polymer 'CITRIC ACID'
6 water water
#
loop_
_entity_poly.entity_id
_entity_poly.type
_entity_poly.pdbx_seq_one_letter_code
_entity_poly.pdbx_strand_id
1 'polypeptide(L)'
;GSHMPGFYEIVIKVPSDLDGHLPGISDSFVNWVAEKEWELPPDSDMDLNLIEQAPLTVAEKLQRDFLTEWRRVSKAPEAL
FFVQFEKGESYFHMHVLVETTGVKSMVLGRFLSQIREKLIQRIYRGIEPTLPNWFAVTKTRNGAGGGNKVVDESYIPNFL
LPKTQPELQWAWTNMEQYLSACLNLTERKRLVAQHLTHVSQTQEQNKENQNPN
;
A,B,C,D
2 'polydeoxyribonucleotide'
;(DC)(DT)(DC)(DG)(DG)(DC)(DG)(DC)(DT)(DC)(DG)(DC)(DT)(DC)(DG)(DC)(DT)(DC)(DG)(DC)
(DT)
;
E,G
3 'polydeoxyribonucleotide'
;(DG)(DA)(DG)(DC)(DG)(DA)(DG)(DC)(DG)(DA)(DG)(DC)(DG)(DA)(DG)(DC)(DG)(DC)(DC)(DG)
(DA)
;
F,H
#
# COMPACT_ATOMS: atom_id res chain seq x y z
N MET A 4 15.91 -35.48 38.12
CA MET A 4 15.18 -35.12 36.91
C MET A 4 14.30 -33.89 37.15
N PRO A 5 14.19 -32.99 36.16
CA PRO A 5 13.42 -31.75 36.26
C PRO A 5 11.95 -31.91 35.86
N GLY A 6 11.16 -30.83 35.95
CA GLY A 6 9.79 -30.84 35.49
C GLY A 6 9.74 -30.50 34.02
N PHE A 7 8.55 -30.56 33.42
CA PHE A 7 8.43 -30.28 31.99
C PHE A 7 7.20 -29.47 31.73
N TYR A 8 7.25 -28.62 30.71
CA TYR A 8 6.05 -27.98 30.21
C TYR A 8 5.50 -28.83 29.08
N GLU A 9 4.20 -28.84 28.87
CA GLU A 9 3.68 -29.55 27.71
C GLU A 9 3.00 -28.57 26.81
N ILE A 10 3.46 -28.52 25.58
CA ILE A 10 2.83 -27.70 24.55
C ILE A 10 2.35 -28.68 23.48
N VAL A 11 1.07 -28.59 23.12
CA VAL A 11 0.50 -29.48 22.12
C VAL A 11 0.24 -28.71 20.84
N ILE A 12 0.75 -29.22 19.72
CA ILE A 12 0.62 -28.55 18.43
C ILE A 12 -0.16 -29.38 17.41
N LYS A 13 -1.31 -28.87 16.97
CA LYS A 13 -2.11 -29.56 15.97
C LYS A 13 -1.55 -29.34 14.58
N VAL A 14 -1.45 -30.39 13.77
CA VAL A 14 -0.87 -30.27 12.44
C VAL A 14 -1.90 -30.61 11.35
N PRO A 15 -2.06 -29.73 10.35
CA PRO A 15 -3.04 -29.92 9.27
C PRO A 15 -3.03 -31.30 8.60
N SER A 16 -4.21 -31.85 8.35
CA SER A 16 -4.33 -33.19 7.76
C SER A 16 -4.89 -33.14 6.33
N GLU A 37 10.16 -37.57 1.54
CA GLU A 37 10.25 -39.02 1.69
C GLU A 37 11.22 -39.41 2.82
N TRP A 38 10.65 -39.78 3.97
CA TRP A 38 11.45 -40.14 5.15
C TRP A 38 11.83 -41.62 5.16
N GLU A 39 12.86 -41.95 5.93
CA GLU A 39 13.24 -43.34 6.14
C GLU A 39 13.21 -43.63 7.63
N LEU A 40 12.90 -44.87 7.98
CA LEU A 40 13.03 -45.28 9.36
C LEU A 40 14.46 -45.68 9.58
N PRO A 41 15.01 -45.33 10.76
CA PRO A 41 16.37 -45.75 11.09
C PRO A 41 16.44 -47.27 11.22
N PRO A 42 17.61 -47.86 10.95
CA PRO A 42 17.81 -49.31 11.01
C PRO A 42 17.21 -50.00 12.24
N ASP A 43 17.31 -49.36 13.41
CA ASP A 43 16.93 -50.01 14.67
C ASP A 43 15.43 -50.01 14.92
N SER A 44 14.69 -49.27 14.10
CA SER A 44 13.26 -49.16 14.28
C SER A 44 12.53 -50.44 13.88
N ASP A 45 11.51 -50.82 14.63
CA ASP A 45 10.70 -51.95 14.24
C ASP A 45 9.36 -51.52 13.68
N MET A 46 9.24 -50.22 13.36
CA MET A 46 7.94 -49.66 13.00
C MET A 46 7.60 -49.90 11.55
N ASP A 47 6.35 -49.66 11.19
CA ASP A 47 5.88 -49.90 9.83
C ASP A 47 5.79 -48.60 9.04
N LEU A 48 6.74 -48.39 8.13
CA LEU A 48 6.81 -47.14 7.36
C LEU A 48 5.50 -46.86 6.62
N ASN A 49 4.79 -47.93 6.27
CA ASN A 49 3.53 -47.81 5.55
C ASN A 49 2.44 -47.09 6.34
N LEU A 50 2.57 -47.07 7.67
CA LEU A 50 1.55 -46.50 8.52
C LEU A 50 1.89 -45.07 8.97
N ILE A 51 3.11 -44.65 8.67
CA ILE A 51 3.56 -43.29 8.95
C ILE A 51 3.27 -42.40 7.76
N GLU A 52 2.49 -41.33 7.96
CA GLU A 52 2.11 -40.48 6.85
C GLU A 52 3.18 -39.43 6.54
N GLN A 53 3.69 -39.44 5.31
CA GLN A 53 4.85 -38.64 4.94
C GLN A 53 4.61 -37.14 5.06
N ALA A 54 3.55 -36.65 4.40
CA ALA A 54 3.27 -35.22 4.34
C ALA A 54 3.06 -34.55 5.71
N PRO A 55 2.20 -35.13 6.57
CA PRO A 55 2.04 -34.46 7.86
C PRO A 55 3.32 -34.46 8.68
N LEU A 56 4.05 -35.57 8.63
CA LEU A 56 5.31 -35.67 9.34
C LEU A 56 6.30 -34.57 8.92
N THR A 57 6.35 -34.25 7.64
CA THR A 57 7.28 -33.22 7.18
C THR A 57 6.99 -31.89 7.86
N VAL A 58 5.71 -31.59 8.04
CA VAL A 58 5.31 -30.36 8.73
C VAL A 58 5.72 -30.43 10.19
N ALA A 59 5.51 -31.59 10.80
CA ALA A 59 5.82 -31.79 12.19
C ALA A 59 7.33 -31.73 12.45
N GLU A 60 8.13 -32.20 11.50
CA GLU A 60 9.56 -32.20 11.72
C GLU A 60 10.06 -30.76 11.80
N LYS A 61 9.50 -29.89 10.96
CA LYS A 61 9.83 -28.47 11.01
C LYS A 61 9.36 -27.83 12.32
N LEU A 62 8.09 -27.99 12.66
CA LEU A 62 7.57 -27.43 13.92
C LEU A 62 8.41 -27.84 15.14
N GLN A 63 8.70 -29.13 15.31
CA GLN A 63 9.46 -29.51 16.51
C GLN A 63 10.86 -28.91 16.46
N ARG A 64 11.53 -29.00 15.31
CA ARG A 64 12.89 -28.49 15.20
C ARG A 64 12.97 -26.99 15.48
N ASP A 65 12.10 -26.21 14.84
CA ASP A 65 12.05 -24.76 15.05
C ASP A 65 11.59 -24.33 16.45
N PHE A 66 10.62 -25.05 17.01
CA PHE A 66 10.19 -24.82 18.39
C PHE A 66 11.40 -24.91 19.30
N LEU A 67 12.11 -26.03 19.22
CA LEU A 67 13.23 -26.26 20.11
C LEU A 67 14.34 -25.22 19.87
N THR A 68 14.41 -24.70 18.65
CA THR A 68 15.44 -23.73 18.36
C THR A 68 15.12 -22.46 19.15
N GLU A 69 13.89 -21.97 19.03
CA GLU A 69 13.47 -20.81 19.79
C GLU A 69 13.47 -21.11 21.29
N TRP A 70 13.12 -22.34 21.66
CA TRP A 70 13.07 -22.69 23.08
C TRP A 70 14.41 -22.46 23.76
N ARG A 71 15.47 -22.94 23.09
CA ARG A 71 16.85 -22.83 23.58
C ARG A 71 17.25 -21.36 23.75
N ARG A 72 16.71 -20.51 22.90
CA ARG A 72 17.01 -19.09 22.97
C ARG A 72 16.40 -18.44 24.21
N VAL A 73 15.08 -18.57 24.37
CA VAL A 73 14.39 -17.84 25.44
C VAL A 73 14.81 -18.35 26.81
N SER A 74 15.11 -19.65 26.89
CA SER A 74 15.42 -20.30 28.15
C SER A 74 16.89 -20.22 28.49
N LYS A 75 17.70 -19.85 27.49
CA LYS A 75 19.13 -19.78 27.64
C LYS A 75 19.60 -21.15 28.10
N ALA A 76 18.98 -22.17 27.53
CA ALA A 76 19.23 -23.55 27.88
C ALA A 76 19.60 -24.31 26.62
N PRO A 77 20.89 -24.23 26.21
CA PRO A 77 21.31 -24.88 24.97
C PRO A 77 21.13 -26.39 25.01
N GLU A 78 21.17 -27.03 26.18
CA GLU A 78 21.07 -28.49 26.22
C GLU A 78 19.71 -28.99 26.67
N ALA A 79 18.71 -28.12 26.63
CA ALA A 79 17.42 -28.39 27.28
C ALA A 79 16.88 -29.80 26.95
N LEU A 80 16.60 -30.58 28.00
CA LEU A 80 15.98 -31.89 27.82
C LEU A 80 14.63 -31.71 27.14
N PHE A 81 14.35 -32.55 26.13
CA PHE A 81 13.01 -32.59 25.54
C PHE A 81 12.60 -34.00 25.06
N PHE A 82 11.29 -34.22 24.94
CA PHE A 82 10.74 -35.40 24.29
C PHE A 82 9.55 -34.93 23.50
N VAL A 83 9.56 -35.17 22.20
CA VAL A 83 8.46 -34.78 21.34
C VAL A 83 7.92 -36.01 20.66
N GLN A 84 6.58 -36.13 20.60
CA GLN A 84 5.96 -37.29 19.99
C GLN A 84 4.85 -36.84 19.07
N PHE A 85 4.82 -37.34 17.85
CA PHE A 85 3.81 -36.98 16.86
C PHE A 85 2.76 -38.07 16.75
N GLU A 86 1.51 -37.72 16.97
CA GLU A 86 0.44 -38.70 17.01
C GLU A 86 -0.65 -38.39 15.99
N LYS A 87 -1.26 -39.45 15.46
CA LYS A 87 -2.39 -39.27 14.57
C LYS A 87 -3.70 -39.52 15.33
N GLY A 88 -4.43 -38.45 15.62
CA GLY A 88 -5.69 -38.55 16.33
C GLY A 88 -6.86 -38.90 15.43
N GLU A 89 -8.05 -38.96 16.03
CA GLU A 89 -9.27 -39.32 15.29
C GLU A 89 -9.73 -38.19 14.37
N SER A 90 -9.37 -36.95 14.72
CA SER A 90 -9.85 -35.79 14.00
C SER A 90 -8.71 -34.94 13.41
N TYR A 91 -7.54 -34.97 14.06
CA TYR A 91 -6.38 -34.24 13.57
C TYR A 91 -5.06 -34.82 14.08
N PHE A 92 -3.96 -34.42 13.47
CA PHE A 92 -2.64 -34.83 13.95
C PHE A 92 -2.19 -33.94 15.08
N HIS A 93 -1.66 -34.53 16.14
CA HIS A 93 -1.22 -33.70 17.25
C HIS A 93 0.15 -34.11 17.76
N MET A 94 0.92 -33.10 18.13
CA MET A 94 2.30 -33.28 18.52
C MET A 94 2.44 -32.83 19.96
N HIS A 95 2.90 -33.73 20.81
CA HIS A 95 3.18 -33.36 22.18
C HIS A 95 4.64 -32.99 22.35
N VAL A 96 4.87 -31.76 22.80
CA VAL A 96 6.21 -31.29 23.07
C VAL A 96 6.42 -31.24 24.57
N LEU A 97 7.41 -31.98 25.06
CA LEU A 97 7.78 -31.83 26.45
C LEU A 97 9.14 -31.16 26.56
N VAL A 98 9.20 -29.92 27.06
CA VAL A 98 10.49 -29.30 27.34
C VAL A 98 10.69 -29.12 28.83
N GLU A 99 11.89 -29.41 29.26
CA GLU A 99 12.41 -29.04 30.58
C GLU A 99 12.03 -27.61 30.96
N THR A 100 11.59 -27.39 32.20
CA THR A 100 11.24 -26.05 32.60
C THR A 100 12.45 -25.13 32.94
N THR A 101 13.64 -25.72 33.11
CA THR A 101 14.80 -24.94 33.52
C THR A 101 15.00 -23.67 32.66
N GLY A 102 15.10 -22.52 33.31
CA GLY A 102 15.39 -21.27 32.61
C GLY A 102 14.18 -20.43 32.24
N VAL A 103 13.00 -21.04 32.29
CA VAL A 103 11.76 -20.34 31.97
C VAL A 103 10.72 -20.45 33.10
N LYS A 104 10.65 -19.45 33.99
CA LYS A 104 9.70 -19.48 35.10
C LYS A 104 8.29 -19.54 34.55
N SER A 105 7.37 -20.15 35.29
CA SER A 105 6.00 -20.29 34.83
C SER A 105 5.44 -18.93 34.55
N MET A 106 5.79 -17.96 35.40
CA MET A 106 5.31 -16.58 35.26
C MET A 106 5.61 -15.97 33.88
N VAL A 107 6.72 -16.36 33.26
CA VAL A 107 7.04 -15.84 31.93
C VAL A 107 6.90 -16.83 30.76
N LEU A 108 6.43 -18.06 31.00
CA LEU A 108 6.21 -18.99 29.88
C LEU A 108 5.27 -18.41 28.80
N GLY A 109 4.23 -17.71 29.21
CA GLY A 109 3.30 -17.19 28.23
C GLY A 109 3.93 -16.24 27.21
N ARG A 110 4.70 -15.26 27.70
CA ARG A 110 5.23 -14.21 26.81
C ARG A 110 6.28 -14.85 25.88
N PHE A 111 7.03 -15.81 26.39
CA PHE A 111 7.96 -16.56 25.55
C PHE A 111 7.25 -17.48 24.53
N LEU A 112 6.18 -18.15 24.96
CA LEU A 112 5.48 -19.05 24.05
C LEU A 112 4.83 -18.26 22.92
N SER A 113 4.44 -17.03 23.16
CA SER A 113 3.79 -16.29 22.08
C SER A 113 4.81 -15.91 21.02
N GLN A 114 6.06 -15.67 21.45
CA GLN A 114 7.15 -15.36 20.54
C GLN A 114 7.39 -16.57 19.64
N ILE A 115 7.47 -17.75 20.27
CA ILE A 115 7.69 -18.97 19.53
C ILE A 115 6.55 -19.24 18.56
N ARG A 116 5.30 -19.09 19.02
CA ARG A 116 4.16 -19.35 18.14
C ARG A 116 4.29 -18.51 16.86
N GLU A 117 4.73 -17.26 17.00
CA GLU A 117 4.86 -16.37 15.87
C GLU A 117 5.96 -16.77 14.88
N LYS A 118 7.11 -17.16 15.42
CA LYS A 118 8.20 -17.66 14.59
C LYS A 118 7.72 -18.75 13.67
N LEU A 119 7.01 -19.72 14.25
CA LEU A 119 6.49 -20.86 13.49
C LEU A 119 5.59 -20.41 12.35
N ILE A 120 4.68 -19.50 12.65
CA ILE A 120 3.74 -19.04 11.64
C ILE A 120 4.51 -18.42 10.46
N GLN A 121 5.53 -17.63 10.77
CA GLN A 121 6.37 -17.03 9.73
C GLN A 121 7.23 -18.10 9.04
N ARG A 122 8.06 -18.79 9.80
CA ARG A 122 9.02 -19.73 9.22
C ARG A 122 8.33 -20.87 8.47
N ILE A 123 7.41 -21.56 9.12
CA ILE A 123 6.72 -22.69 8.47
C ILE A 123 5.52 -22.28 7.60
N TYR A 124 4.59 -21.49 8.14
CA TYR A 124 3.33 -21.26 7.42
C TYR A 124 3.30 -19.99 6.57
N ARG A 125 4.47 -19.53 6.14
CA ARG A 125 4.59 -18.36 5.28
C ARG A 125 3.87 -17.13 5.87
N GLY A 126 3.68 -17.12 7.19
CA GLY A 126 3.04 -15.98 7.83
C GLY A 126 1.53 -15.95 7.73
N ILE A 127 0.94 -17.03 7.20
CA ILE A 127 -0.51 -17.21 7.24
C ILE A 127 -0.85 -18.13 8.40
N GLU A 128 -1.56 -17.60 9.40
CA GLU A 128 -1.93 -18.37 10.59
C GLU A 128 -2.77 -19.59 10.22
N PRO A 129 -2.44 -20.76 10.80
CA PRO A 129 -3.22 -21.99 10.56
C PRO A 129 -4.68 -21.81 10.96
N THR A 130 -5.59 -22.39 10.18
CA THR A 130 -7.02 -22.28 10.45
C THR A 130 -7.42 -23.03 11.72
N LEU A 131 -6.74 -24.14 11.98
CA LEU A 131 -7.09 -25.06 13.08
C LEU A 131 -7.32 -24.40 14.43
N PRO A 132 -8.47 -24.71 15.05
CA PRO A 132 -8.82 -24.15 16.35
C PRO A 132 -7.94 -24.68 17.46
N ASN A 133 -7.44 -23.77 18.29
CA ASN A 133 -6.56 -24.08 19.39
C ASN A 133 -5.30 -24.82 18.95
N TRP A 134 -4.81 -24.50 17.76
CA TRP A 134 -3.72 -25.28 17.15
C TRP A 134 -2.37 -25.26 17.88
N PHE A 135 -2.16 -24.29 18.78
CA PHE A 135 -0.90 -24.20 19.53
C PHE A 135 -1.21 -23.93 21.00
N ALA A 136 -1.17 -24.96 21.83
CA ALA A 136 -1.71 -24.82 23.18
C ALA A 136 -0.91 -25.48 24.30
N VAL A 137 -0.62 -24.68 25.32
CA VAL A 137 0.10 -25.12 26.51
C VAL A 137 -0.84 -25.91 27.40
N THR A 138 -0.34 -26.84 28.18
CA THR A 138 -1.18 -27.63 29.05
C THR A 138 -1.28 -26.96 30.42
N LYS A 139 -2.52 -26.67 30.85
CA LYS A 139 -2.74 -26.00 32.12
C LYS A 139 -3.17 -26.99 33.18
N THR A 140 -3.17 -26.55 34.43
CA THR A 140 -3.61 -27.38 35.54
C THR A 140 -5.10 -27.55 35.62
N ARG A 141 -5.84 -26.82 34.79
CA ARG A 141 -7.30 -26.90 34.78
C ARG A 141 -7.84 -26.76 33.36
N ASN A 142 -9.11 -27.13 33.19
CA ASN A 142 -9.75 -27.05 31.88
C ASN A 142 -10.22 -25.64 31.55
N GLY A 143 -10.95 -25.03 32.48
CA GLY A 143 -11.46 -23.68 32.30
C GLY A 143 -10.34 -22.65 32.23
N ALA A 144 -10.53 -21.53 32.94
CA ALA A 144 -9.55 -20.47 32.96
C ALA A 144 -9.15 -20.10 34.39
N GLY A 145 -7.94 -19.60 34.55
CA GLY A 145 -7.44 -19.21 35.86
C GLY A 145 -6.43 -20.19 36.41
N GLY A 146 -6.19 -21.26 35.66
CA GLY A 146 -5.24 -22.28 36.08
C GLY A 146 -3.80 -21.83 35.91
N GLY A 147 -2.86 -22.75 36.14
CA GLY A 147 -1.46 -22.45 36.02
C GLY A 147 -0.88 -23.34 34.96
N ASN A 148 0.28 -22.97 34.44
CA ASN A 148 1.01 -23.80 33.50
C ASN A 148 1.40 -25.05 34.24
N LYS A 149 1.10 -26.21 33.68
CA LYS A 149 1.34 -27.47 34.36
C LYS A 149 2.80 -27.88 34.28
N VAL A 150 3.39 -28.18 35.42
CA VAL A 150 4.66 -28.86 35.45
C VAL A 150 4.42 -30.34 35.44
N VAL A 151 4.59 -30.92 34.25
CA VAL A 151 4.40 -32.33 34.05
C VAL A 151 5.62 -33.07 34.54
N ASP A 152 5.40 -34.16 35.29
CA ASP A 152 6.47 -35.04 35.78
C ASP A 152 6.98 -35.87 34.63
N GLU A 153 8.20 -36.37 34.75
CA GLU A 153 8.83 -37.07 33.64
C GLU A 153 8.22 -38.45 33.40
N SER A 154 7.62 -39.01 34.45
CA SER A 154 6.89 -40.27 34.33
C SER A 154 5.76 -40.15 33.32
N TYR A 155 5.41 -38.93 32.93
CA TYR A 155 4.43 -38.75 31.86
C TYR A 155 4.84 -39.46 30.58
N ILE A 156 6.14 -39.62 30.38
CA ILE A 156 6.60 -40.20 29.14
C ILE A 156 6.32 -41.74 29.13
N PRO A 157 6.74 -42.49 30.19
CA PRO A 157 6.33 -43.89 30.15
C PRO A 157 4.83 -44.12 30.39
N ASN A 158 4.23 -43.36 31.31
CA ASN A 158 2.81 -43.53 31.61
C ASN A 158 1.88 -43.24 30.44
N PHE A 159 2.26 -42.32 29.55
CA PHE A 159 1.30 -41.82 28.55
C PHE A 159 1.81 -41.68 27.12
N LEU A 160 3.12 -41.64 26.93
CA LEU A 160 3.61 -41.43 25.58
C LEU A 160 4.18 -42.73 25.02
N LEU A 161 5.12 -43.34 25.75
CA LEU A 161 5.71 -44.61 25.29
C LEU A 161 4.69 -45.68 24.86
N PRO A 162 3.55 -45.83 25.59
CA PRO A 162 2.64 -46.93 25.23
C PRO A 162 1.90 -46.78 23.91
N LYS A 163 1.89 -45.59 23.31
CA LYS A 163 1.23 -45.43 22.00
C LYS A 163 1.76 -46.44 20.97
N THR A 164 0.85 -47.01 20.18
CA THR A 164 1.27 -47.92 19.13
C THR A 164 0.70 -47.45 17.82
N GLN A 165 1.34 -47.83 16.70
CA GLN A 165 0.86 -47.47 15.38
C GLN A 165 -0.58 -47.93 15.22
N PRO A 166 -1.37 -47.23 14.39
CA PRO A 166 -1.05 -46.03 13.59
C PRO A 166 -1.04 -44.73 14.39
N GLU A 167 -1.55 -44.77 15.62
CA GLU A 167 -1.66 -43.57 16.43
C GLU A 167 -0.29 -42.94 16.59
N LEU A 168 0.66 -43.73 17.04
CA LEU A 168 2.05 -43.29 17.09
C LEU A 168 2.53 -43.06 15.67
N GLN A 169 3.17 -41.91 15.42
CA GLN A 169 3.68 -41.57 14.09
C GLN A 169 5.20 -41.31 14.08
N TRP A 170 5.71 -40.69 15.14
CA TRP A 170 7.13 -40.38 15.22
C TRP A 170 7.46 -39.80 16.58
N ALA A 171 8.75 -39.74 16.91
CA ALA A 171 9.17 -39.13 18.16
C ALA A 171 10.63 -38.72 18.08
N TRP A 172 10.95 -37.69 18.84
CA TRP A 172 12.29 -37.11 18.91
C TRP A 172 12.70 -36.92 20.37
N THR A 173 13.93 -37.20 20.73
CA THR A 173 14.40 -36.78 22.05
C THR A 173 15.92 -36.60 22.13
N ASN A 174 16.37 -35.95 23.19
CA ASN A 174 17.79 -35.86 23.45
C ASN A 174 18.04 -36.43 24.83
N MET A 175 16.97 -36.97 25.41
CA MET A 175 17.03 -37.69 26.67
C MET A 175 17.56 -39.11 26.46
N GLU A 176 18.68 -39.43 27.12
CA GLU A 176 19.38 -40.71 26.91
C GLU A 176 18.49 -41.93 27.06
N GLN A 177 17.67 -41.97 28.11
CA GLN A 177 16.76 -43.08 28.36
C GLN A 177 15.91 -43.44 27.16
N TYR A 178 15.60 -42.46 26.34
CA TYR A 178 14.64 -42.68 25.28
C TYR A 178 15.21 -42.59 23.86
N LEU A 179 16.52 -42.46 23.71
CA LEU A 179 17.08 -42.45 22.36
C LEU A 179 16.55 -43.63 21.57
N SER A 180 16.90 -44.85 21.98
CA SER A 180 16.46 -46.04 21.28
C SER A 180 14.96 -46.32 21.37
N ALA A 181 14.24 -45.60 22.22
CA ALA A 181 12.81 -45.88 22.35
C ALA A 181 11.90 -45.11 21.38
N CYS A 182 12.35 -43.98 20.85
CA CYS A 182 11.49 -43.11 20.05
C CYS A 182 10.70 -43.84 18.99
N LEU A 183 11.43 -44.58 18.16
CA LEU A 183 10.88 -45.24 16.99
C LEU A 183 11.00 -46.76 17.09
N ASN A 184 10.92 -47.31 18.29
CA ASN A 184 11.00 -48.76 18.47
C ASN A 184 9.98 -49.24 19.48
N LEU A 185 9.00 -49.99 18.97
CA LEU A 185 7.86 -50.44 19.72
C LEU A 185 8.23 -51.41 20.83
N THR A 186 9.25 -52.24 20.55
CA THR A 186 9.73 -53.22 21.53
C THR A 186 10.37 -52.52 22.70
N GLU A 187 11.19 -51.53 22.40
CA GLU A 187 11.90 -50.79 23.44
C GLU A 187 10.93 -49.95 24.30
N ARG A 188 9.87 -49.45 23.68
CA ARG A 188 8.83 -48.76 24.42
C ARG A 188 8.21 -49.74 25.39
N LYS A 189 7.75 -50.88 24.86
CA LYS A 189 7.20 -51.97 25.66
C LYS A 189 8.08 -52.32 26.88
N ARG A 190 9.38 -52.36 26.67
CA ARG A 190 10.31 -52.73 27.75
C ARG A 190 10.37 -51.68 28.82
N LEU A 191 10.40 -50.42 28.40
CA LEU A 191 10.56 -49.30 29.32
C LEU A 191 9.30 -49.08 30.14
N VAL A 192 8.15 -49.22 29.48
CA VAL A 192 6.86 -49.23 30.15
C VAL A 192 6.86 -50.27 31.27
N ALA A 193 7.30 -51.47 30.95
CA ALA A 193 7.31 -52.54 31.93
C ALA A 193 8.35 -52.26 32.98
N GLN A 194 9.46 -51.65 32.56
CA GLN A 194 10.52 -51.30 33.50
C GLN A 194 9.98 -50.29 34.49
N HIS A 195 9.12 -49.41 33.99
CA HIS A 195 8.52 -48.40 34.84
C HIS A 195 7.53 -49.05 35.80
N LEU A 196 6.59 -49.85 35.28
CA LEU A 196 5.64 -50.52 36.16
C LEU A 196 6.32 -51.34 37.25
N THR A 197 7.50 -51.88 36.97
CA THR A 197 8.21 -52.63 38.00
C THR A 197 8.66 -51.70 39.11
N HIS A 198 9.22 -50.56 38.70
CA HIS A 198 9.70 -49.57 39.66
C HIS A 198 8.58 -49.04 40.54
N VAL A 199 7.45 -48.68 39.92
CA VAL A 199 6.24 -48.31 40.64
C VAL A 199 5.84 -49.39 41.65
N SER A 200 5.83 -50.62 41.15
CA SER A 200 5.52 -51.76 41.97
C SER A 200 6.46 -51.85 43.17
N GLN A 201 7.69 -51.38 43.01
CA GLN A 201 8.68 -51.51 44.07
C GLN A 201 8.46 -50.54 45.20
N THR A 202 7.94 -49.36 44.88
CA THR A 202 7.74 -48.31 45.89
C THR A 202 6.56 -48.64 46.81
N GLN A 203 5.62 -49.45 46.32
CA GLN A 203 4.44 -49.86 47.07
C GLN A 203 4.67 -50.87 48.21
N GLU A 204 5.91 -51.33 48.38
CA GLU A 204 6.24 -52.24 49.48
C GLU A 204 6.28 -51.49 50.82
N MET B 4 -12.16 3.78 12.54
CA MET B 4 -12.86 4.83 13.26
C MET B 4 -11.99 5.47 14.34
N PRO B 5 -12.24 6.74 14.65
CA PRO B 5 -11.45 7.39 15.70
C PRO B 5 -11.63 6.76 17.08
N GLY B 6 -10.53 6.41 17.72
CA GLY B 6 -10.54 6.04 19.12
C GLY B 6 -10.03 7.18 19.98
N PHE B 7 -10.28 7.14 21.29
CA PHE B 7 -9.93 8.28 22.13
C PHE B 7 -9.21 7.88 23.43
N TYR B 8 -8.14 8.62 23.76
CA TYR B 8 -7.48 8.43 25.05
C TYR B 8 -8.27 9.28 26.00
N GLU B 9 -8.28 8.99 27.30
CA GLU B 9 -8.99 9.82 28.27
C GLU B 9 -8.05 10.15 29.41
N ILE B 10 -7.77 11.46 29.54
CA ILE B 10 -6.95 11.96 30.62
C ILE B 10 -7.90 12.71 31.53
N VAL B 11 -7.76 12.53 32.84
CA VAL B 11 -8.62 13.23 33.78
C VAL B 11 -7.77 14.13 34.70
N ILE B 12 -8.02 15.43 34.63
CA ILE B 12 -7.24 16.40 35.37
C ILE B 12 -8.06 17.09 36.45
N LYS B 13 -7.56 17.04 37.68
CA LYS B 13 -8.17 17.78 38.79
C LYS B 13 -7.65 19.21 38.86
N VAL B 14 -8.57 20.13 39.18
CA VAL B 14 -8.27 21.56 39.29
C VAL B 14 -8.60 22.03 40.71
N PRO B 15 -7.69 22.82 41.34
CA PRO B 15 -7.89 23.26 42.72
C PRO B 15 -8.99 24.31 42.85
N SER B 16 -9.54 24.47 44.05
CA SER B 16 -10.52 25.51 44.34
C SER B 16 -9.83 26.81 44.74
N ASP B 17 -8.50 26.84 44.62
CA ASP B 17 -7.71 28.06 44.84
C ASP B 17 -7.86 29.01 43.66
N GLY B 24 1.81 33.03 43.98
CA GLY B 24 1.86 34.34 43.36
C GLY B 24 0.56 34.75 42.68
N ILE B 25 -0.55 34.22 43.20
CA ILE B 25 -1.91 34.60 42.77
C ILE B 25 -2.70 35.09 43.98
N SER B 26 -3.01 36.37 44.01
CA SER B 26 -3.82 36.91 45.10
C SER B 26 -4.79 37.95 44.56
N ASP B 27 -5.83 38.25 45.34
CA ASP B 27 -6.82 39.21 44.88
C ASP B 27 -6.31 40.63 45.09
N SER B 28 -5.23 40.75 45.84
CA SER B 28 -4.68 42.07 46.18
C SER B 28 -3.92 42.67 45.02
N PHE B 29 -3.67 41.89 43.98
CA PHE B 29 -3.04 42.42 42.78
C PHE B 29 -3.51 41.71 41.52
N VAL B 30 -3.35 42.38 40.39
CA VAL B 30 -3.69 41.85 39.08
C VAL B 30 -3.01 40.50 38.84
N ASN B 31 -3.72 39.57 38.21
CA ASN B 31 -3.15 38.26 37.84
C ASN B 31 -4.05 37.56 36.85
N TRP B 32 -3.47 36.66 36.06
CA TRP B 32 -4.16 36.13 34.88
C TRP B 32 -5.43 35.33 35.22
N VAL B 33 -5.56 34.89 36.47
CA VAL B 33 -6.73 34.13 36.86
C VAL B 33 -7.88 35.04 37.33
N ALA B 34 -7.61 35.88 38.31
CA ALA B 34 -8.57 36.84 38.83
C ALA B 34 -9.16 37.79 37.78
N GLU B 35 -8.39 38.08 36.75
CA GLU B 35 -8.80 39.14 35.84
C GLU B 35 -9.74 38.68 34.75
N LYS B 36 -9.86 37.37 34.55
CA LYS B 36 -10.65 36.85 33.43
C LYS B 36 -12.16 36.85 33.75
N GLU B 37 -12.98 37.15 32.76
CA GLU B 37 -14.42 37.12 32.97
C GLU B 37 -15.10 36.47 31.77
N TRP B 38 -15.94 35.46 32.04
CA TRP B 38 -16.46 34.63 30.97
C TRP B 38 -17.87 34.98 30.58
N GLU B 39 -18.12 35.00 29.29
CA GLU B 39 -19.48 35.17 28.79
C GLU B 39 -19.92 33.90 28.09
N LEU B 40 -21.21 33.64 28.16
CA LEU B 40 -21.77 32.52 27.42
C LEU B 40 -22.04 32.97 26.01
N PRO B 41 -21.77 32.11 25.04
CA PRO B 41 -22.12 32.47 23.67
C PRO B 41 -23.63 32.58 23.59
N PRO B 42 -24.16 33.29 22.59
CA PRO B 42 -25.60 33.57 22.54
C PRO B 42 -26.46 32.31 22.42
N ASP B 43 -25.87 31.25 21.89
CA ASP B 43 -26.60 30.02 21.63
C ASP B 43 -26.80 29.20 22.89
N SER B 44 -26.06 29.55 23.94
CA SER B 44 -26.12 28.79 25.18
C SER B 44 -27.34 29.08 26.05
N ASP B 45 -27.90 28.03 26.62
CA ASP B 45 -29.03 28.15 27.54
C ASP B 45 -28.59 27.94 29.00
N MET B 46 -27.30 28.04 29.26
CA MET B 46 -26.80 27.77 30.59
C MET B 46 -26.99 28.95 31.55
N ASP B 47 -26.84 28.68 32.83
CA ASP B 47 -26.96 29.70 33.86
C ASP B 47 -25.55 30.14 34.29
N LEU B 48 -25.16 31.36 33.94
CA LEU B 48 -23.79 31.80 34.17
C LEU B 48 -23.48 31.96 35.65
N ASN B 49 -24.51 32.09 36.47
CA ASN B 49 -24.32 32.24 37.91
C ASN B 49 -23.84 30.96 38.60
N LEU B 50 -23.96 29.83 37.92
CA LEU B 50 -23.57 28.56 38.52
C LEU B 50 -22.18 28.14 38.04
N ILE B 51 -21.64 28.89 37.09
CA ILE B 51 -20.31 28.60 36.60
C ILE B 51 -19.27 29.35 37.40
N GLU B 52 -18.25 28.66 37.89
CA GLU B 52 -17.25 29.27 38.76
C GLU B 52 -16.11 29.85 37.93
N GLN B 53 -16.02 31.17 37.94
CA GLN B 53 -15.16 31.90 37.02
C GLN B 53 -13.67 31.56 37.18
N ALA B 54 -13.15 31.64 38.40
CA ALA B 54 -11.72 31.42 38.59
C ALA B 54 -11.29 29.95 38.31
N PRO B 55 -12.01 28.96 38.86
CA PRO B 55 -11.60 27.61 38.44
C PRO B 55 -11.74 27.42 36.93
N LEU B 56 -12.85 27.90 36.36
CA LEU B 56 -13.05 27.88 34.91
C LEU B 56 -11.83 28.42 34.19
N THR B 57 -11.27 29.52 34.69
CA THR B 57 -10.19 30.19 34.00
C THR B 57 -8.92 29.37 34.00
N VAL B 58 -8.56 28.84 35.15
CA VAL B 58 -7.46 27.89 35.21
C VAL B 58 -7.76 26.69 34.31
N ALA B 59 -8.96 26.13 34.43
CA ALA B 59 -9.28 24.92 33.66
C ALA B 59 -9.13 25.18 32.17
N GLU B 60 -9.51 26.38 31.71
CA GLU B 60 -9.42 26.68 30.29
C GLU B 60 -7.96 26.67 29.83
N LYS B 61 -7.06 27.07 30.71
CA LYS B 61 -5.68 27.26 30.31
C LYS B 61 -5.06 25.86 30.23
N LEU B 62 -5.39 25.04 31.22
CA LEU B 62 -4.92 23.67 31.23
C LEU B 62 -5.27 22.92 29.94
N GLN B 63 -6.55 22.92 29.57
CA GLN B 63 -6.92 22.13 28.40
C GLN B 63 -6.31 22.75 27.15
N ARG B 64 -6.19 24.08 27.10
CA ARG B 64 -5.66 24.75 25.92
C ARG B 64 -4.24 24.32 25.63
N ASP B 65 -3.45 24.30 26.69
CA ASP B 65 -2.02 24.05 26.59
C ASP B 65 -1.79 22.57 26.38
N PHE B 66 -2.52 21.74 27.14
CA PHE B 66 -2.50 20.31 26.97
C PHE B 66 -2.64 19.94 25.49
N LEU B 67 -3.66 20.50 24.87
CA LEU B 67 -3.93 20.26 23.45
C LEU B 67 -2.79 20.62 22.50
N THR B 68 -2.20 21.81 22.66
CA THR B 68 -1.12 22.19 21.75
C THR B 68 0.10 21.33 22.04
N GLU B 69 0.31 20.95 23.28
CA GLU B 69 1.37 19.97 23.53
C GLU B 69 0.97 18.61 22.92
N TRP B 70 -0.31 18.26 22.93
CA TRP B 70 -0.74 17.04 22.26
C TRP B 70 -0.49 17.08 20.76
N ARG B 71 -0.76 18.22 20.13
CA ARG B 71 -0.57 18.31 18.70
C ARG B 71 0.91 18.22 18.36
N ARG B 72 1.75 18.49 19.35
CA ARG B 72 3.17 18.36 19.15
C ARG B 72 3.58 16.89 19.14
N VAL B 73 3.31 16.17 20.23
CA VAL B 73 3.77 14.78 20.31
C VAL B 73 3.09 13.87 19.29
N SER B 74 1.81 14.13 19.03
CA SER B 74 1.04 13.32 18.12
C SER B 74 1.35 13.61 16.67
N LYS B 75 2.03 14.74 16.43
CA LYS B 75 2.25 15.26 15.08
C LYS B 75 0.93 15.34 14.33
N ALA B 76 -0.14 15.61 15.06
CA ALA B 76 -1.47 15.65 14.49
C ALA B 76 -2.16 16.96 14.82
N PRO B 77 -1.96 17.99 14.00
CA PRO B 77 -2.90 19.11 14.07
C PRO B 77 -4.29 18.58 13.74
N GLU B 78 -5.35 19.31 14.06
CA GLU B 78 -6.70 18.90 13.67
C GLU B 78 -7.19 17.63 14.38
N ALA B 79 -6.37 17.07 15.27
CA ALA B 79 -6.76 15.93 16.11
C ALA B 79 -8.10 16.17 16.79
N LEU B 80 -9.02 15.22 16.72
CA LEU B 80 -10.33 15.41 17.33
C LEU B 80 -10.24 15.46 18.84
N PHE B 81 -10.96 16.39 19.45
CA PHE B 81 -11.01 16.39 20.91
C PHE B 81 -12.39 16.75 21.44
N PHE B 82 -12.61 16.31 22.66
CA PHE B 82 -13.74 16.74 23.45
C PHE B 82 -13.26 16.86 24.88
N VAL B 83 -13.44 18.03 25.47
CA VAL B 83 -13.04 18.32 26.84
C VAL B 83 -14.21 18.86 27.65
N GLN B 84 -14.41 18.36 28.86
CA GLN B 84 -15.51 18.84 29.70
C GLN B 84 -15.07 19.06 31.14
N PHE B 85 -15.30 20.26 31.63
CA PHE B 85 -14.92 20.65 32.99
C PHE B 85 -16.11 20.47 33.94
N GLU B 86 -15.87 19.92 35.12
CA GLU B 86 -16.95 19.57 36.05
C GLU B 86 -16.67 19.97 37.49
N LYS B 87 -17.73 20.32 38.22
CA LYS B 87 -17.62 20.54 39.66
C LYS B 87 -18.21 19.34 40.39
N GLY B 88 -17.36 18.68 41.19
CA GLY B 88 -17.78 17.49 41.90
C GLY B 88 -17.92 17.71 43.39
N GLU B 89 -18.24 16.64 44.11
CA GLU B 89 -18.43 16.73 45.56
C GLU B 89 -17.13 17.18 46.22
N SER B 90 -16.03 16.70 45.68
CA SER B 90 -14.72 16.94 46.27
C SER B 90 -13.90 18.00 45.53
N TYR B 91 -13.63 17.73 44.25
CA TYR B 91 -12.79 18.61 43.45
C TYR B 91 -13.49 19.07 42.20
N PHE B 92 -12.81 19.91 41.44
CA PHE B 92 -13.16 20.18 40.06
C PHE B 92 -12.42 19.17 39.25
N HIS B 93 -13.00 18.66 38.17
CA HIS B 93 -12.17 17.87 37.28
C HIS B 93 -12.54 18.02 35.82
N MET B 94 -11.55 17.73 34.99
CA MET B 94 -11.64 17.88 33.55
C MET B 94 -11.50 16.50 32.90
N HIS B 95 -12.48 16.08 32.11
CA HIS B 95 -12.28 14.91 31.27
C HIS B 95 -11.78 15.36 29.92
N VAL B 96 -10.56 14.96 29.60
CA VAL B 96 -9.97 15.30 28.33
C VAL B 96 -10.04 14.11 27.42
N LEU B 97 -10.75 14.24 26.31
CA LEU B 97 -10.74 13.14 25.34
C LEU B 97 -10.01 13.61 24.10
N VAL B 98 -8.96 12.89 23.78
CA VAL B 98 -8.16 13.20 22.61
C VAL B 98 -7.99 11.99 21.69
N GLU B 99 -8.01 12.24 20.38
CA GLU B 99 -7.83 11.20 19.40
C GLU B 99 -6.48 10.52 19.54
N THR B 100 -6.46 9.20 19.39
CA THR B 100 -5.24 8.41 19.59
C THR B 100 -4.24 8.56 18.45
N THR B 101 -4.69 9.06 17.30
CA THR B 101 -3.84 9.13 16.11
C THR B 101 -2.45 9.67 16.39
N GLY B 102 -1.43 8.93 15.99
CA GLY B 102 -0.06 9.41 16.11
C GLY B 102 0.58 9.07 17.44
N VAL B 103 -0.19 8.55 18.38
CA VAL B 103 0.38 8.15 19.65
C VAL B 103 0.05 6.68 19.95
N LYS B 104 1.00 5.78 19.68
CA LYS B 104 0.83 4.38 20.02
C LYS B 104 0.65 4.28 21.54
N SER B 105 -0.23 3.41 21.97
CA SER B 105 -0.52 3.25 23.40
C SER B 105 0.75 3.01 24.24
N MET B 106 1.73 2.30 23.68
CA MET B 106 2.96 2.04 24.39
C MET B 106 3.76 3.31 24.75
N VAL B 107 3.61 4.39 23.99
CA VAL B 107 4.31 5.62 24.31
C VAL B 107 3.43 6.74 24.83
N LEU B 108 2.16 6.46 25.15
CA LEU B 108 1.27 7.49 25.68
C LEU B 108 1.87 8.06 26.96
N GLY B 109 2.22 7.17 27.88
CA GLY B 109 2.81 7.56 29.15
C GLY B 109 3.89 8.61 29.08
N ARG B 110 4.98 8.28 28.39
CA ARG B 110 6.13 9.16 28.30
C ARG B 110 5.74 10.53 27.75
N PHE B 111 4.86 10.55 26.76
CA PHE B 111 4.37 11.81 26.24
C PHE B 111 3.45 12.49 27.23
N LEU B 112 2.59 11.72 27.89
CA LEU B 112 1.69 12.34 28.85
C LEU B 112 2.49 12.97 29.99
N SER B 113 3.64 12.39 30.32
CA SER B 113 4.44 12.94 31.38
C SER B 113 5.16 14.22 30.94
N GLN B 114 5.43 14.30 29.64
CA GLN B 114 6.03 15.50 29.09
C GLN B 114 5.01 16.58 29.29
N ILE B 115 3.79 16.31 28.87
CA ILE B 115 2.73 17.29 28.98
C ILE B 115 2.44 17.62 30.43
N ARG B 116 2.43 16.61 31.31
CA ARG B 116 2.12 16.86 32.72
C ARG B 116 3.10 17.82 33.38
N GLU B 117 4.36 17.70 32.98
CA GLU B 117 5.42 18.50 33.57
C GLU B 117 5.32 19.94 33.11
N LYS B 118 4.96 20.11 31.83
CA LYS B 118 4.81 21.40 31.22
C LYS B 118 3.67 22.16 31.87
N LEU B 119 2.56 21.49 32.09
CA LEU B 119 1.43 22.12 32.76
C LEU B 119 1.79 22.54 34.19
N ILE B 120 2.65 21.78 34.84
CA ILE B 120 3.09 22.11 36.18
C ILE B 120 3.92 23.40 36.16
N GLN B 121 4.75 23.56 35.13
CA GLN B 121 5.64 24.71 35.04
C GLN B 121 4.88 25.93 34.53
N ARG B 122 4.14 25.75 33.45
CA ARG B 122 3.40 26.84 32.85
C ARG B 122 2.26 27.32 33.73
N ILE B 123 1.48 26.43 34.33
CA ILE B 123 0.29 26.88 35.05
C ILE B 123 0.56 27.00 36.54
N TYR B 124 1.39 26.12 37.08
CA TYR B 124 1.56 26.08 38.54
C TYR B 124 2.92 26.62 38.96
N ARG B 125 3.65 27.17 37.98
CA ARG B 125 4.93 27.81 38.23
C ARG B 125 5.92 26.85 38.89
N GLY B 126 5.88 25.58 38.49
CA GLY B 126 6.82 24.58 38.98
C GLY B 126 6.46 23.95 40.31
N ILE B 127 5.30 24.31 40.87
CA ILE B 127 4.85 23.76 42.15
C ILE B 127 3.78 22.67 41.95
N GLU B 128 4.20 21.41 42.07
CA GLU B 128 3.32 20.28 41.82
C GLU B 128 2.09 20.34 42.71
N PRO B 129 0.90 20.18 42.10
CA PRO B 129 -0.40 20.17 42.79
C PRO B 129 -0.45 19.24 44.00
N THR B 130 -1.09 19.71 45.06
CA THR B 130 -1.31 18.91 46.26
C THR B 130 -2.25 17.75 45.99
N LEU B 131 -3.33 18.04 45.26
CA LEU B 131 -4.39 17.08 44.97
C LEU B 131 -3.86 15.70 44.58
N PRO B 132 -4.48 14.64 45.14
CA PRO B 132 -3.94 13.28 45.22
C PRO B 132 -3.55 12.61 43.90
N ASN B 133 -4.38 12.69 42.87
CA ASN B 133 -4.11 11.98 41.64
C ASN B 133 -4.51 12.85 40.48
N TRP B 134 -3.92 14.04 40.47
CA TRP B 134 -4.49 15.16 39.78
C TRP B 134 -4.43 15.07 38.25
N PHE B 135 -3.59 14.19 37.75
CA PHE B 135 -3.39 14.01 36.31
C PHE B 135 -3.30 12.51 36.05
N ALA B 136 -4.40 11.88 35.69
CA ALA B 136 -4.40 10.41 35.56
C ALA B 136 -5.07 9.90 34.27
N VAL B 137 -4.35 9.07 33.52
CA VAL B 137 -4.94 8.48 32.30
C VAL B 137 -5.81 7.27 32.63
N THR B 138 -6.90 7.12 31.88
CA THR B 138 -7.85 6.04 32.08
C THR B 138 -7.30 4.72 31.55
N LYS B 139 -7.34 3.70 32.40
CA LYS B 139 -6.80 2.39 32.07
C LYS B 139 -7.92 1.38 31.81
N THR B 140 -7.57 0.18 31.33
CA THR B 140 -8.59 -0.81 31.02
C THR B 140 -9.03 -1.59 32.22
N ARG B 141 -8.32 -1.48 33.32
CA ARG B 141 -8.81 -2.08 34.54
C ARG B 141 -8.55 -1.13 35.69
N ASN B 142 -9.35 -1.28 36.75
CA ASN B 142 -9.35 -0.32 37.85
C ASN B 142 -8.13 -0.42 38.73
N GLY B 143 -7.40 -1.51 38.61
CA GLY B 143 -6.18 -1.64 39.36
C GLY B 143 -4.96 -1.63 38.46
N ALA B 144 -3.86 -2.16 38.98
CA ALA B 144 -2.59 -2.15 38.27
C ALA B 144 -2.54 -3.17 37.13
N GLY B 145 -1.84 -2.81 36.06
CA GLY B 145 -1.43 -3.76 35.05
C GLY B 145 -2.32 -3.88 33.82
N GLY B 146 -3.16 -2.89 33.57
CA GLY B 146 -3.98 -2.91 32.38
C GLY B 146 -3.38 -2.00 31.34
N GLY B 147 -4.07 -1.83 30.21
CA GLY B 147 -3.58 -0.94 29.16
C GLY B 147 -4.24 0.44 29.18
N ASN B 148 -3.77 1.35 28.34
CA ASN B 148 -4.42 2.63 28.20
C ASN B 148 -5.72 2.44 27.44
N LYS B 149 -6.80 2.97 27.98
CA LYS B 149 -8.11 2.68 27.45
C LYS B 149 -8.38 3.46 26.18
N VAL B 150 -8.96 2.79 25.19
CA VAL B 150 -9.44 3.51 24.02
C VAL B 150 -10.96 3.46 23.97
N VAL B 151 -11.61 4.61 24.04
CA VAL B 151 -13.06 4.64 23.89
C VAL B 151 -13.40 5.29 22.57
N ASP B 152 -14.61 5.04 22.08
CA ASP B 152 -15.04 5.69 20.86
C ASP B 152 -15.95 6.85 21.21
N GLU B 153 -16.46 7.50 20.20
CA GLU B 153 -17.17 8.75 20.41
C GLU B 153 -18.42 8.59 21.29
N SER B 154 -18.96 7.37 21.35
CA SER B 154 -20.22 7.13 22.08
C SER B 154 -20.05 7.45 23.56
N TYR B 155 -18.81 7.45 24.00
CA TYR B 155 -18.51 7.86 25.35
C TYR B 155 -19.01 9.27 25.65
N ILE B 156 -19.00 10.15 24.66
CA ILE B 156 -19.46 11.52 24.89
C ILE B 156 -20.99 11.54 25.15
N PRO B 157 -21.81 11.02 24.23
CA PRO B 157 -23.23 10.98 24.63
C PRO B 157 -23.52 10.12 25.86
N ASN B 158 -22.78 9.04 26.06
CA ASN B 158 -23.01 8.14 27.20
C ASN B 158 -22.74 8.75 28.57
N PHE B 159 -21.59 9.41 28.73
CA PHE B 159 -21.14 9.80 30.06
C PHE B 159 -20.89 11.29 30.27
N LEU B 160 -20.73 12.08 29.21
CA LEU B 160 -20.40 13.49 29.42
C LEU B 160 -21.60 14.37 29.11
N LEU B 161 -22.22 14.17 27.95
CA LEU B 161 -23.39 14.96 27.59
C LEU B 161 -24.51 14.97 28.65
N PRO B 162 -24.81 13.85 29.35
CA PRO B 162 -25.87 13.89 30.36
C PRO B 162 -25.68 14.86 31.53
N LYS B 163 -24.47 15.27 31.86
CA LYS B 163 -24.27 16.20 32.97
C LYS B 163 -25.11 17.48 32.85
N THR B 164 -25.61 17.96 33.97
CA THR B 164 -26.25 19.27 34.06
C THR B 164 -25.58 20.13 35.13
N GLN B 165 -25.96 21.41 35.20
CA GLN B 165 -25.39 22.31 36.19
C GLN B 165 -26.03 22.01 37.53
N PRO B 166 -25.28 22.19 38.63
CA PRO B 166 -23.99 22.87 38.63
C PRO B 166 -22.79 21.94 38.36
N GLU B 167 -23.02 20.65 38.16
CA GLU B 167 -21.92 19.73 37.94
C GLU B 167 -21.19 20.06 36.64
N LEU B 168 -21.96 20.27 35.58
CA LEU B 168 -21.43 20.77 34.32
C LEU B 168 -20.98 22.23 34.46
N GLN B 169 -19.72 22.52 34.15
CA GLN B 169 -19.22 23.90 34.20
C GLN B 169 -18.95 24.45 32.80
N TRP B 170 -18.26 23.68 31.96
CA TRP B 170 -17.93 24.14 30.61
C TRP B 170 -17.51 22.99 29.69
N ALA B 171 -17.63 23.15 28.37
CA ALA B 171 -17.07 22.15 27.45
C ALA B 171 -16.48 22.75 26.18
N TRP B 172 -15.42 22.12 25.68
CA TRP B 172 -14.70 22.55 24.47
C TRP B 172 -14.57 21.40 23.50
N THR B 173 -14.73 21.66 22.20
CA THR B 173 -14.60 20.60 21.21
C THR B 173 -14.33 21.11 19.81
N ASN B 174 -13.56 20.35 19.04
CA ASN B 174 -13.48 20.60 17.62
C ASN B 174 -14.29 19.59 16.83
N MET B 175 -15.11 18.80 17.52
CA MET B 175 -15.92 17.78 16.84
C MET B 175 -17.23 18.35 16.31
N GLU B 176 -17.35 18.36 14.99
CA GLU B 176 -18.52 18.87 14.27
C GLU B 176 -19.85 18.60 14.97
N GLN B 177 -20.08 17.35 15.33
CA GLN B 177 -21.37 16.92 15.86
C GLN B 177 -21.66 17.42 17.28
N TYR B 178 -20.64 17.79 18.05
CA TYR B 178 -20.91 18.28 19.41
C TYR B 178 -20.60 19.79 19.59
N LEU B 179 -20.48 20.53 18.50
CA LEU B 179 -20.17 21.95 18.62
C LEU B 179 -21.24 22.63 19.45
N SER B 180 -22.49 22.53 19.03
CA SER B 180 -23.56 23.23 19.71
C SER B 180 -23.92 22.60 21.05
N ALA B 181 -23.47 21.39 21.31
CA ALA B 181 -23.91 20.71 22.53
C ALA B 181 -23.10 21.16 23.74
N CYS B 182 -21.87 21.60 23.52
CA CYS B 182 -20.94 21.89 24.61
C CYS B 182 -21.56 22.72 25.71
N LEU B 183 -22.38 23.68 25.32
CA LEU B 183 -22.90 24.66 26.25
C LEU B 183 -24.40 24.87 26.10
N ASN B 184 -25.07 23.96 25.38
CA ASN B 184 -26.54 23.99 25.27
C ASN B 184 -27.12 22.74 25.91
N LEU B 185 -27.94 22.92 26.94
CA LEU B 185 -28.41 21.77 27.71
C LEU B 185 -29.51 21.01 26.99
N THR B 186 -30.33 21.74 26.22
CA THR B 186 -31.41 21.08 25.52
C THR B 186 -30.81 20.34 24.34
N GLU B 187 -29.65 20.80 23.89
CA GLU B 187 -28.97 20.11 22.81
C GLU B 187 -28.41 18.77 23.31
N ARG B 188 -27.71 18.81 24.44
CA ARG B 188 -27.25 17.60 25.08
C ARG B 188 -28.37 16.60 25.25
N LYS B 189 -29.43 17.05 25.91
CA LYS B 189 -30.61 16.23 26.15
C LYS B 189 -31.09 15.54 24.85
N ARG B 190 -31.14 16.31 23.78
CA ARG B 190 -31.56 15.78 22.49
C ARG B 190 -30.65 14.65 22.03
N LEU B 191 -29.34 14.90 22.08
CA LEU B 191 -28.38 13.93 21.60
C LEU B 191 -28.33 12.70 22.51
N VAL B 192 -28.68 12.88 23.78
CA VAL B 192 -28.60 11.76 24.72
C VAL B 192 -29.76 10.83 24.46
N ALA B 193 -30.94 11.42 24.27
CA ALA B 193 -32.12 10.67 23.93
C ALA B 193 -31.91 9.95 22.60
N GLN B 194 -31.37 10.69 21.63
CA GLN B 194 -31.13 10.12 20.31
C GLN B 194 -30.20 8.94 20.41
N HIS B 195 -29.14 9.09 21.19
CA HIS B 195 -28.19 7.99 21.36
C HIS B 195 -28.79 6.81 22.11
N LEU B 196 -29.53 7.11 23.18
CA LEU B 196 -30.03 6.05 24.03
C LEU B 196 -31.03 5.21 23.24
N THR B 197 -31.82 5.88 22.41
CA THR B 197 -32.75 5.21 21.55
C THR B 197 -32.05 4.14 20.71
N HIS B 198 -30.95 4.51 20.08
CA HIS B 198 -30.18 3.58 19.28
C HIS B 198 -29.63 2.45 20.15
N VAL B 199 -28.98 2.81 21.25
CA VAL B 199 -28.50 1.80 22.18
C VAL B 199 -29.64 0.86 22.66
N SER B 200 -30.82 1.40 22.91
CA SER B 200 -31.92 0.56 23.36
C SER B 200 -32.38 -0.44 22.28
N GLN B 201 -32.55 0.04 21.05
CA GLN B 201 -32.92 -0.81 19.95
C GLN B 201 -31.87 -1.87 19.73
N THR B 202 -30.62 -1.49 19.87
CA THR B 202 -29.53 -2.43 19.70
C THR B 202 -29.54 -3.47 20.80
N GLN B 203 -29.92 -3.09 22.01
CA GLN B 203 -30.02 -4.05 23.08
C GLN B 203 -31.11 -5.08 22.78
N GLU B 204 -32.28 -4.60 22.36
CA GLU B 204 -33.37 -5.47 22.00
C GLU B 204 -32.89 -6.43 20.92
N GLN B 205 -32.34 -5.86 19.85
CA GLN B 205 -31.90 -6.62 18.69
C GLN B 205 -30.95 -7.74 19.07
N ASN B 206 -30.06 -7.46 20.02
CA ASN B 206 -29.13 -8.46 20.49
C ASN B 206 -29.84 -9.59 21.24
N LYS B 207 -30.74 -9.23 22.17
CA LYS B 207 -31.48 -10.23 22.93
C LYS B 207 -32.24 -11.17 21.98
N GLU B 208 -32.84 -10.57 20.95
CA GLU B 208 -33.57 -11.31 19.95
C GLU B 208 -32.69 -12.10 19.00
N ASN B 209 -31.39 -11.79 18.99
CA ASN B 209 -30.44 -12.59 18.22
C ASN B 209 -29.87 -13.71 19.09
N GLN B 210 -30.69 -14.16 20.05
CA GLN B 210 -30.34 -15.22 20.98
C GLN B 210 -29.15 -14.80 21.83
N MET C 4 -12.43 3.68 -37.27
CA MET C 4 -11.70 2.48 -37.67
C MET C 4 -11.17 1.74 -36.42
N PRO C 5 -11.46 0.42 -36.34
CA PRO C 5 -11.23 -0.40 -35.15
C PRO C 5 -9.78 -0.85 -34.97
N GLY C 6 -9.08 -1.10 -36.07
CA GLY C 6 -7.72 -1.58 -35.99
C GLY C 6 -7.61 -3.00 -35.46
N PHE C 7 -6.42 -3.57 -35.61
CA PHE C 7 -6.16 -4.91 -35.16
C PHE C 7 -4.93 -4.92 -34.29
N TYR C 8 -4.86 -5.85 -33.33
CA TYR C 8 -3.61 -6.17 -32.68
C TYR C 8 -3.00 -7.23 -33.55
N GLU C 9 -1.68 -7.34 -33.55
CA GLU C 9 -1.02 -8.40 -34.25
C GLU C 9 -0.29 -9.20 -33.22
N ILE C 10 -0.51 -10.51 -33.23
CA ILE C 10 0.23 -11.40 -32.37
C ILE C 10 0.95 -12.34 -33.31
N VAL C 11 2.25 -12.50 -33.09
CA VAL C 11 3.07 -13.38 -33.91
C VAL C 11 3.45 -14.61 -33.11
N ILE C 12 3.02 -15.79 -33.57
CA ILE C 12 3.37 -17.05 -32.92
C ILE C 12 4.34 -17.86 -33.77
N LYS C 13 5.47 -18.24 -33.17
CA LYS C 13 6.46 -19.08 -33.86
C LYS C 13 6.00 -20.52 -33.79
N VAL C 14 6.21 -21.25 -34.87
CA VAL C 14 5.78 -22.64 -34.94
C VAL C 14 6.97 -23.54 -35.26
N PRO C 15 7.22 -24.55 -34.41
CA PRO C 15 8.40 -25.41 -34.55
C PRO C 15 8.35 -26.23 -35.82
N SER C 16 9.51 -26.69 -36.30
CA SER C 16 9.59 -27.57 -37.45
C SER C 16 9.74 -29.03 -36.99
N GLY C 24 4.07 -37.91 -26.75
CA GLY C 24 3.69 -36.62 -27.30
C GLY C 24 3.42 -36.67 -28.78
N ILE C 25 4.39 -36.23 -29.57
CA ILE C 25 4.30 -36.28 -31.03
C ILE C 25 5.62 -36.80 -31.60
N SER C 26 5.55 -37.84 -32.43
CA SER C 26 6.74 -38.56 -32.90
C SER C 26 6.46 -39.37 -34.16
N ASP C 27 7.51 -39.68 -34.93
CA ASP C 27 7.33 -40.39 -36.20
C ASP C 27 7.03 -41.86 -35.98
N SER C 28 7.46 -42.39 -34.84
CA SER C 28 7.35 -43.83 -34.60
C SER C 28 5.92 -44.19 -34.20
N PHE C 29 5.13 -43.21 -33.76
CA PHE C 29 3.72 -43.52 -33.50
C PHE C 29 2.74 -42.48 -34.03
N VAL C 30 1.46 -42.79 -33.85
CA VAL C 30 0.37 -42.01 -34.42
C VAL C 30 0.04 -40.90 -33.43
N ASN C 31 -0.08 -39.68 -33.95
CA ASN C 31 -0.33 -38.54 -33.12
C ASN C 31 -1.19 -37.56 -33.88
N TRP C 32 -1.75 -36.57 -33.19
CA TRP C 32 -2.65 -35.64 -33.87
C TRP C 32 -1.96 -34.75 -34.92
N VAL C 33 -0.64 -34.56 -34.79
CA VAL C 33 0.09 -33.68 -35.71
C VAL C 33 0.42 -34.37 -37.03
N ALA C 34 0.91 -35.60 -36.89
CA ALA C 34 1.43 -36.33 -38.03
C ALA C 34 0.31 -36.89 -38.91
N GLU C 35 -0.88 -37.10 -38.33
CA GLU C 35 -1.87 -37.95 -38.98
C GLU C 35 -2.67 -37.22 -40.04
N LYS C 36 -2.77 -35.91 -39.89
CA LYS C 36 -3.63 -35.13 -40.77
C LYS C 36 -2.97 -34.78 -42.09
N GLU C 37 -3.74 -34.95 -43.17
CA GLU C 37 -3.32 -34.53 -44.49
C GLU C 37 -4.35 -33.55 -44.99
N TRP C 38 -3.86 -32.41 -45.46
CA TRP C 38 -4.65 -31.25 -45.84
C TRP C 38 -4.98 -31.19 -47.33
N GLU C 39 -6.13 -30.63 -47.66
CA GLU C 39 -6.50 -30.44 -49.06
C GLU C 39 -6.72 -28.98 -49.38
N LEU C 40 -6.16 -28.51 -50.48
CA LEU C 40 -6.53 -27.21 -50.98
C LEU C 40 -7.96 -27.29 -51.47
N PRO C 41 -8.77 -26.26 -51.17
CA PRO C 41 -10.14 -26.15 -51.69
C PRO C 41 -10.14 -26.11 -53.21
N PRO C 42 -11.30 -26.33 -53.84
CA PRO C 42 -11.36 -26.24 -55.31
C PRO C 42 -10.95 -24.85 -55.81
N ASP C 43 -11.29 -23.82 -55.05
CA ASP C 43 -11.02 -22.46 -55.46
C ASP C 43 -9.54 -22.13 -55.58
N SER C 44 -8.74 -22.70 -54.69
CA SER C 44 -7.32 -22.36 -54.59
C SER C 44 -6.51 -22.60 -55.87
N ASP C 45 -5.47 -21.80 -56.07
CA ASP C 45 -4.58 -21.98 -57.21
C ASP C 45 -3.15 -22.26 -56.74
N MET C 46 -3.04 -22.76 -55.51
CA MET C 46 -1.75 -22.95 -54.88
C MET C 46 -1.15 -24.33 -55.13
N ASP C 47 0.17 -24.40 -54.97
CA ASP C 47 0.94 -25.64 -55.08
C ASP C 47 1.00 -26.38 -53.73
N LEU C 48 0.23 -27.46 -53.60
CA LEU C 48 0.17 -28.22 -52.35
C LEU C 48 1.53 -28.79 -51.92
N ASN C 49 2.41 -28.99 -52.90
CA ASN C 49 3.72 -29.58 -52.64
C ASN C 49 4.67 -28.67 -51.86
N LEU C 50 4.40 -27.37 -51.92
CA LEU C 50 5.23 -26.38 -51.25
C LEU C 50 4.67 -26.02 -49.89
N ILE C 51 3.66 -26.77 -49.45
CA ILE C 51 3.01 -26.57 -48.14
C ILE C 51 3.39 -27.68 -47.16
N GLU C 52 3.89 -27.29 -45.99
CA GLU C 52 4.32 -28.24 -44.97
C GLU C 52 3.17 -28.61 -44.04
N GLN C 53 2.71 -29.86 -44.16
CA GLN C 53 1.52 -30.35 -43.44
C GLN C 53 1.69 -30.31 -41.93
N ALA C 54 2.70 -31.02 -41.41
CA ALA C 54 2.92 -31.09 -39.98
C ALA C 54 2.98 -29.67 -39.35
N PRO C 55 3.83 -28.77 -39.88
CA PRO C 55 3.78 -27.42 -39.27
C PRO C 55 2.39 -26.80 -39.41
N LEU C 56 1.77 -26.95 -40.56
CA LEU C 56 0.42 -26.40 -40.81
C LEU C 56 -0.60 -26.93 -39.79
N THR C 57 -0.52 -28.23 -39.52
CA THR C 57 -1.45 -28.85 -38.59
C THR C 57 -1.33 -28.21 -37.21
N VAL C 58 -0.11 -27.93 -36.77
CA VAL C 58 0.03 -27.27 -35.49
C VAL C 58 -0.56 -25.85 -35.52
N ALA C 59 -0.22 -25.09 -36.55
CA ALA C 59 -0.68 -23.71 -36.67
C ALA C 59 -2.20 -23.61 -36.64
N GLU C 60 -2.86 -24.60 -37.26
CA GLU C 60 -4.29 -24.54 -37.44
C GLU C 60 -4.96 -24.70 -36.08
N LYS C 61 -4.37 -25.52 -35.23
CA LYS C 61 -4.87 -25.63 -33.88
C LYS C 61 -4.58 -24.40 -33.06
N LEU C 62 -3.36 -23.88 -33.19
CA LEU C 62 -2.98 -22.61 -32.57
C LEU C 62 -3.99 -21.53 -32.87
N GLN C 63 -4.20 -21.26 -34.15
CA GLN C 63 -5.03 -20.12 -34.48
C GLN C 63 -6.47 -20.36 -34.05
N ARG C 64 -6.97 -21.59 -34.26
CA ARG C 64 -8.34 -21.90 -33.86
C ARG C 64 -8.54 -21.70 -32.37
N ASP C 65 -7.57 -22.17 -31.59
CA ASP C 65 -7.72 -22.07 -30.16
C ASP C 65 -7.52 -20.64 -29.72
N PHE C 66 -6.56 -19.94 -30.31
CA PHE C 66 -6.36 -18.53 -30.01
C PHE C 66 -7.68 -17.78 -30.20
N LEU C 67 -8.34 -17.99 -31.34
CA LEU C 67 -9.47 -17.14 -31.68
C LEU C 67 -10.63 -17.39 -30.75
N THR C 68 -10.73 -18.65 -30.31
CA THR C 68 -11.75 -19.07 -29.35
C THR C 68 -11.51 -18.37 -28.01
N GLU C 69 -10.30 -18.45 -27.48
CA GLU C 69 -9.96 -17.67 -26.30
C GLU C 69 -10.06 -16.17 -26.53
N TRP C 70 -9.84 -15.71 -27.76
CA TRP C 70 -9.97 -14.27 -27.96
C TRP C 70 -11.44 -13.83 -27.87
N ARG C 71 -12.35 -14.67 -28.38
CA ARG C 71 -13.75 -14.30 -28.40
C ARG C 71 -14.27 -14.21 -26.97
N ARG C 72 -13.66 -14.98 -26.08
CA ARG C 72 -14.07 -15.00 -24.69
C ARG C 72 -13.56 -13.74 -23.98
N VAL C 73 -12.25 -13.47 -24.03
CA VAL C 73 -11.72 -12.32 -23.30
C VAL C 73 -12.34 -11.01 -23.82
N SER C 74 -12.53 -10.91 -25.13
CA SER C 74 -12.99 -9.69 -25.76
C SER C 74 -14.49 -9.50 -25.64
N LYS C 75 -15.18 -10.59 -25.31
CA LYS C 75 -16.64 -10.65 -25.34
C LYS C 75 -17.15 -10.26 -26.72
N ALA C 76 -16.37 -10.57 -27.75
CA ALA C 76 -16.80 -10.33 -29.12
C ALA C 76 -16.81 -11.63 -29.91
N PRO C 77 -17.91 -12.39 -29.79
CA PRO C 77 -18.07 -13.69 -30.45
C PRO C 77 -17.78 -13.65 -31.96
N GLU C 78 -18.00 -12.49 -32.60
CA GLU C 78 -17.88 -12.37 -34.05
C GLU C 78 -16.69 -11.48 -34.47
N ALA C 79 -15.74 -11.32 -33.55
CA ALA C 79 -14.52 -10.55 -33.80
C ALA C 79 -13.95 -10.78 -35.20
N LEU C 80 -13.55 -9.71 -35.86
CA LEU C 80 -12.98 -9.80 -37.19
C LEU C 80 -11.55 -10.27 -37.07
N PHE C 81 -11.12 -11.21 -37.90
CA PHE C 81 -9.74 -11.66 -37.82
C PHE C 81 -9.11 -11.98 -39.17
N PHE C 82 -7.78 -12.02 -39.17
CA PHE C 82 -7.04 -12.47 -40.32
C PHE C 82 -5.76 -13.15 -39.84
N VAL C 83 -5.55 -14.39 -40.26
CA VAL C 83 -4.40 -15.15 -39.82
C VAL C 83 -3.61 -15.63 -41.02
N GLN C 84 -2.32 -15.33 -41.06
CA GLN C 84 -1.51 -15.87 -42.15
C GLN C 84 -0.30 -16.62 -41.60
N PHE C 85 -0.09 -17.84 -42.10
CA PHE C 85 0.97 -18.71 -41.62
C PHE C 85 2.07 -18.72 -42.65
N GLU C 86 3.31 -18.48 -42.22
CA GLU C 86 4.42 -18.36 -43.17
C GLU C 86 5.64 -19.20 -42.74
N LYS C 87 6.41 -19.69 -43.73
CA LYS C 87 7.69 -20.34 -43.44
C LYS C 87 8.78 -19.30 -43.54
N GLY C 88 9.55 -19.15 -42.46
CA GLY C 88 10.63 -18.17 -42.43
C GLY C 88 12.00 -18.77 -42.65
N GLU C 89 13.02 -17.94 -42.47
CA GLU C 89 14.40 -18.37 -42.61
C GLU C 89 14.65 -19.58 -41.74
N SER C 90 14.30 -19.48 -40.47
CA SER C 90 14.59 -20.54 -39.53
C SER C 90 13.31 -21.25 -39.07
N TYR C 91 12.33 -20.46 -38.64
CA TYR C 91 11.08 -21.02 -38.14
C TYR C 91 9.89 -20.49 -38.89
N PHE C 92 8.82 -21.28 -38.85
CA PHE C 92 7.52 -20.86 -39.34
C PHE C 92 6.98 -19.80 -38.40
N HIS C 93 6.17 -18.90 -38.90
CA HIS C 93 5.56 -17.99 -37.98
C HIS C 93 4.21 -17.66 -38.46
N MET C 94 3.34 -17.39 -37.50
CA MET C 94 1.94 -17.14 -37.77
C MET C 94 1.59 -15.73 -37.33
N HIS C 95 1.04 -14.97 -38.27
CA HIS C 95 0.61 -13.62 -37.98
C HIS C 95 -0.88 -13.60 -37.70
N VAL C 96 -1.22 -13.41 -36.43
CA VAL C 96 -2.62 -13.34 -36.02
C VAL C 96 -3.08 -11.90 -35.96
N LEU C 97 -3.93 -11.48 -36.88
CA LEU C 97 -4.49 -10.13 -36.80
C LEU C 97 -5.86 -10.21 -36.17
N VAL C 98 -6.04 -9.57 -35.03
CA VAL C 98 -7.34 -9.63 -34.38
C VAL C 98 -7.85 -8.23 -34.06
N GLU C 99 -9.07 -7.95 -34.49
CA GLU C 99 -9.74 -6.67 -34.26
C GLU C 99 -9.69 -6.29 -32.78
N THR C 100 -9.55 -5.01 -32.44
CA THR C 100 -9.24 -4.67 -31.06
C THR C 100 -10.47 -4.54 -30.15
N THR C 101 -11.65 -4.55 -30.73
CA THR C 101 -12.86 -4.33 -29.97
C THR C 101 -12.96 -5.25 -28.77
N GLY C 102 -13.35 -4.70 -27.62
CA GLY C 102 -13.56 -5.48 -26.43
C GLY C 102 -12.34 -5.48 -25.54
N VAL C 103 -11.18 -5.22 -26.14
CA VAL C 103 -9.94 -5.30 -25.39
C VAL C 103 -9.15 -4.00 -25.48
N LYS C 104 -9.16 -3.21 -24.40
CA LYS C 104 -8.36 -1.97 -24.36
C LYS C 104 -6.89 -2.35 -24.28
N SER C 105 -6.05 -1.45 -24.77
CA SER C 105 -4.64 -1.72 -24.86
C SER C 105 -4.05 -1.94 -23.48
N MET C 106 -4.59 -1.22 -22.49
CA MET C 106 -4.11 -1.33 -21.12
C MET C 106 -4.14 -2.76 -20.57
N VAL C 107 -5.14 -3.55 -21.00
CA VAL C 107 -5.32 -4.92 -20.50
C VAL C 107 -4.99 -5.98 -21.51
N LEU C 108 -4.59 -5.57 -22.71
CA LEU C 108 -4.31 -6.52 -23.77
C LEU C 108 -3.42 -7.62 -23.24
N GLY C 109 -2.37 -7.22 -22.54
CA GLY C 109 -1.38 -8.15 -22.04
C GLY C 109 -1.91 -9.20 -21.10
N ARG C 110 -2.71 -8.78 -20.12
CA ARG C 110 -3.15 -9.74 -19.12
C ARG C 110 -4.05 -10.79 -19.79
N PHE C 111 -4.81 -10.35 -20.80
CA PHE C 111 -5.62 -11.25 -21.58
C PHE C 111 -4.75 -12.16 -22.45
N LEU C 112 -3.74 -11.60 -23.12
CA LEU C 112 -2.92 -12.41 -24.00
C LEU C 112 -2.23 -13.53 -23.25
N SER C 113 -1.84 -13.30 -22.01
CA SER C 113 -1.06 -14.29 -21.31
C SER C 113 -1.94 -15.44 -20.84
N GLN C 114 -3.23 -15.16 -20.62
CA GLN C 114 -4.22 -16.19 -20.35
C GLN C 114 -4.34 -17.09 -21.55
N ILE C 115 -4.46 -16.47 -22.72
CA ILE C 115 -4.50 -17.22 -23.95
C ILE C 115 -3.21 -18.02 -24.16
N ARG C 116 -2.07 -17.38 -23.91
CA ARG C 116 -0.77 -18.04 -24.05
C ARG C 116 -0.63 -19.28 -23.18
N GLU C 117 -1.14 -19.22 -21.96
CA GLU C 117 -1.14 -20.35 -21.03
C GLU C 117 -2.04 -21.46 -21.53
N LYS C 118 -3.15 -21.05 -22.14
CA LYS C 118 -4.14 -21.98 -22.64
C LYS C 118 -3.52 -22.81 -23.77
N LEU C 119 -2.82 -22.14 -24.68
CA LEU C 119 -2.15 -22.85 -25.76
C LEU C 119 -1.04 -23.75 -25.25
N ILE C 120 -0.40 -23.36 -24.17
CA ILE C 120 0.63 -24.21 -23.62
C ILE C 120 -0.02 -25.48 -23.05
N GLN C 121 -1.18 -25.33 -22.43
CA GLN C 121 -1.83 -26.48 -21.80
C GLN C 121 -2.34 -27.46 -22.84
N ARG C 122 -3.13 -26.95 -23.76
CA ARG C 122 -3.84 -27.73 -24.76
C ARG C 122 -2.93 -28.30 -25.84
N ILE C 123 -1.97 -27.52 -26.29
CA ILE C 123 -1.20 -27.92 -27.47
C ILE C 123 0.22 -28.36 -27.14
N TYR C 124 0.82 -27.75 -26.14
CA TYR C 124 2.20 -28.09 -25.82
C TYR C 124 2.24 -28.96 -24.58
N ARG C 125 1.05 -29.38 -24.15
CA ARG C 125 0.87 -30.32 -23.05
C ARG C 125 1.51 -29.83 -21.77
N GLY C 126 1.44 -28.52 -21.56
CA GLY C 126 1.93 -27.92 -20.33
C GLY C 126 3.40 -27.57 -20.30
N ILE C 127 4.18 -27.92 -21.32
CA ILE C 127 5.59 -27.54 -21.32
C ILE C 127 5.82 -26.34 -22.27
N GLU C 128 6.32 -25.24 -21.71
CA GLU C 128 6.57 -24.03 -22.48
C GLU C 128 7.48 -24.33 -23.66
N PRO C 129 7.10 -23.88 -24.85
CA PRO C 129 7.93 -24.07 -26.04
C PRO C 129 9.29 -23.42 -25.85
N THR C 130 10.35 -24.03 -26.38
CA THR C 130 11.71 -23.57 -26.14
C THR C 130 12.10 -22.40 -27.04
N LEU C 131 11.35 -22.23 -28.13
CA LEU C 131 11.60 -21.20 -29.13
C LEU C 131 11.58 -19.80 -28.54
N PRO C 132 12.64 -19.01 -28.83
CA PRO C 132 12.70 -17.64 -28.31
C PRO C 132 11.59 -16.77 -28.89
N ASN C 133 10.94 -15.98 -28.03
CA ASN C 133 9.89 -15.07 -28.44
C ASN C 133 8.81 -15.74 -29.28
N TRP C 134 8.43 -16.94 -28.88
CA TRP C 134 7.54 -17.75 -29.71
C TRP C 134 6.11 -17.23 -29.69
N PHE C 135 5.80 -16.42 -28.70
CA PHE C 135 4.48 -15.81 -28.57
C PHE C 135 4.65 -14.32 -28.24
N ALA C 136 4.49 -13.47 -29.25
CA ALA C 136 4.92 -12.08 -29.10
C ALA C 136 4.00 -11.10 -29.78
N VAL C 137 3.48 -10.15 -29.02
CA VAL C 137 2.61 -9.14 -29.61
C VAL C 137 3.46 -8.00 -30.19
N THR C 138 2.96 -7.37 -31.24
CA THR C 138 3.69 -6.34 -31.93
C THR C 138 3.59 -5.04 -31.16
N LYS C 139 4.74 -4.48 -30.77
CA LYS C 139 4.75 -3.24 -30.02
C LYS C 139 4.95 -2.02 -30.92
N THR C 140 4.86 -0.83 -30.34
CA THR C 140 5.11 0.38 -31.13
C THR C 140 6.58 0.63 -31.41
N ARG C 141 7.46 0.12 -30.53
CA ARG C 141 8.89 0.28 -30.69
C ARG C 141 9.63 -1.03 -30.44
N ASN C 142 10.87 -1.13 -30.93
CA ASN C 142 11.58 -2.40 -30.93
C ASN C 142 12.06 -2.86 -29.57
N GLY C 143 12.24 -1.93 -28.65
CA GLY C 143 12.71 -2.30 -27.33
C GLY C 143 11.61 -2.43 -26.31
N ALA C 144 11.98 -2.55 -25.04
CA ALA C 144 11.01 -2.57 -23.95
C ALA C 144 10.38 -1.19 -23.78
N GLY C 145 9.16 -1.16 -23.27
CA GLY C 145 8.56 0.10 -22.88
C GLY C 145 7.71 0.81 -23.92
N GLY C 146 7.48 0.18 -25.08
CA GLY C 146 6.59 0.75 -26.09
C GLY C 146 5.15 0.53 -25.72
N GLY C 147 4.24 0.74 -26.67
CA GLY C 147 2.83 0.43 -26.44
C GLY C 147 2.34 -0.65 -27.40
N ASN C 148 1.22 -1.30 -27.10
CA ASN C 148 0.67 -2.29 -28.05
C ASN C 148 0.28 -1.63 -29.36
N LYS C 149 0.79 -2.12 -30.48
CA LYS C 149 0.50 -1.47 -31.76
C LYS C 149 -0.92 -1.72 -32.21
N VAL C 150 -1.66 -0.68 -32.59
CA VAL C 150 -2.89 -0.93 -33.31
C VAL C 150 -2.58 -0.82 -34.80
N VAL C 151 -2.61 -1.94 -35.48
CA VAL C 151 -2.37 -1.97 -36.93
C VAL C 151 -3.64 -1.58 -37.68
N ASP C 152 -3.47 -1.04 -38.88
CA ASP C 152 -4.60 -0.64 -39.72
C ASP C 152 -5.03 -1.84 -40.54
N GLU C 153 -6.16 -1.76 -41.21
CA GLU C 153 -6.60 -2.91 -42.00
C GLU C 153 -5.78 -3.00 -43.27
N SER C 154 -5.21 -1.87 -43.67
CA SER C 154 -4.38 -1.80 -44.87
C SER C 154 -3.11 -2.62 -44.70
N TYR C 155 -2.87 -3.09 -43.50
CA TYR C 155 -1.74 -3.93 -43.21
C TYR C 155 -1.83 -5.22 -44.03
N ILE C 156 -3.04 -5.77 -44.10
CA ILE C 156 -3.26 -6.99 -44.87
C ILE C 156 -2.76 -6.83 -46.32
N PRO C 157 -3.29 -5.86 -47.10
CA PRO C 157 -2.78 -5.71 -48.47
C PRO C 157 -1.31 -5.37 -48.57
N ASN C 158 -0.84 -4.55 -47.65
CA ASN C 158 0.53 -4.05 -47.72
C ASN C 158 1.57 -5.10 -47.35
N PHE C 159 1.30 -5.92 -46.33
CA PHE C 159 2.34 -6.78 -45.78
C PHE C 159 2.01 -8.29 -45.76
N LEU C 160 0.75 -8.66 -45.93
CA LEU C 160 0.36 -10.09 -45.88
C LEU C 160 0.00 -10.63 -47.26
N LEU C 161 -0.98 -10.02 -47.91
CA LEU C 161 -1.37 -10.43 -49.25
C LEU C 161 -0.21 -10.63 -50.26
N PRO C 162 0.82 -9.76 -50.25
CA PRO C 162 1.82 -9.99 -51.30
C PRO C 162 2.66 -11.26 -51.18
N LYS C 163 2.65 -11.95 -50.04
CA LYS C 163 3.46 -13.16 -49.90
C LYS C 163 3.08 -14.22 -50.94
N THR C 164 4.09 -14.91 -51.45
CA THR C 164 3.88 -16.03 -52.36
C THR C 164 4.43 -17.33 -51.79
N GLN C 165 4.43 -18.38 -52.60
CA GLN C 165 5.00 -19.65 -52.18
C GLN C 165 6.52 -19.63 -52.42
N PRO C 166 7.28 -20.27 -51.52
CA PRO C 166 6.80 -21.06 -50.39
C PRO C 166 6.62 -20.29 -49.09
N GLU C 167 6.79 -18.98 -49.12
CA GLU C 167 6.70 -18.24 -47.87
C GLU C 167 5.28 -18.27 -47.32
N LEU C 168 4.30 -17.97 -48.16
CA LEU C 168 2.90 -18.15 -47.78
C LEU C 168 2.63 -19.64 -47.63
N GLN C 169 2.14 -20.06 -46.47
CA GLN C 169 1.81 -21.48 -46.31
C GLN C 169 0.29 -21.64 -46.29
N TRP C 170 -0.39 -20.81 -45.52
CA TRP C 170 -1.85 -20.90 -45.39
C TRP C 170 -2.41 -19.64 -44.76
N ALA C 171 -3.72 -19.43 -44.89
CA ALA C 171 -4.36 -18.24 -44.33
C ALA C 171 -5.83 -18.47 -43.98
N TRP C 172 -6.24 -18.03 -42.79
CA TRP C 172 -7.65 -18.03 -42.40
C TRP C 172 -8.18 -16.60 -42.27
N THR C 173 -9.47 -16.42 -42.56
CA THR C 173 -10.12 -15.14 -42.29
C THR C 173 -11.65 -15.25 -42.22
N ASN C 174 -12.29 -14.29 -41.56
CA ASN C 174 -13.74 -14.20 -41.61
C ASN C 174 -14.15 -12.87 -42.17
N MET C 175 -13.19 -12.22 -42.83
CA MET C 175 -13.43 -10.93 -43.47
C MET C 175 -13.84 -11.14 -44.92
N GLU C 176 -15.04 -10.66 -45.24
CA GLU C 176 -15.63 -10.85 -46.56
C GLU C 176 -14.66 -10.64 -47.70
N GLN C 177 -14.02 -9.47 -47.74
CA GLN C 177 -13.24 -9.04 -48.89
C GLN C 177 -11.98 -9.86 -49.11
N TYR C 178 -11.60 -10.66 -48.11
CA TYR C 178 -10.40 -11.49 -48.18
C TYR C 178 -10.63 -13.00 -48.15
N LEU C 179 -11.88 -13.46 -48.22
CA LEU C 179 -12.15 -14.91 -48.17
C LEU C 179 -11.49 -15.60 -49.36
N SER C 180 -11.75 -15.10 -50.55
CA SER C 180 -11.19 -15.67 -51.78
C SER C 180 -9.69 -15.56 -51.82
N ALA C 181 -9.16 -14.58 -51.11
CA ALA C 181 -7.76 -14.21 -51.28
C ALA C 181 -6.85 -15.11 -50.46
N CYS C 182 -7.39 -15.78 -49.45
CA CYS C 182 -6.57 -16.51 -48.49
C CYS C 182 -5.64 -17.51 -49.16
N LEU C 183 -6.20 -18.36 -50.01
CA LEU C 183 -5.43 -19.46 -50.61
C LEU C 183 -5.46 -19.38 -52.13
N ASN C 184 -5.74 -18.19 -52.67
CA ASN C 184 -5.65 -17.98 -54.11
C ASN C 184 -4.62 -16.88 -54.47
N LEU C 185 -3.63 -17.25 -55.29
CA LEU C 185 -2.53 -16.34 -55.59
C LEU C 185 -2.94 -15.27 -56.60
N THR C 186 -3.80 -15.61 -57.53
CA THR C 186 -4.29 -14.62 -58.48
C THR C 186 -5.11 -13.56 -57.74
N GLU C 187 -5.92 -14.00 -56.79
CA GLU C 187 -6.77 -13.07 -56.08
C GLU C 187 -5.96 -12.13 -55.21
N ARG C 188 -4.90 -12.64 -54.58
CA ARG C 188 -4.03 -11.79 -53.79
C ARG C 188 -3.44 -10.68 -54.65
N LYS C 189 -3.07 -11.06 -55.87
CA LYS C 189 -2.50 -10.11 -56.82
C LYS C 189 -3.53 -9.02 -57.10
N ARG C 190 -4.75 -9.44 -57.42
CA ARG C 190 -5.80 -8.52 -57.81
C ARG C 190 -6.06 -7.49 -56.72
N LEU C 191 -6.09 -7.95 -55.48
CA LEU C 191 -6.42 -7.09 -54.36
C LEU C 191 -5.32 -6.08 -54.03
N VAL C 192 -4.06 -6.50 -54.14
CA VAL C 192 -2.94 -5.58 -53.89
C VAL C 192 -2.90 -4.49 -54.97
N ALA C 193 -3.12 -4.91 -56.21
CA ALA C 193 -3.19 -3.97 -57.33
C ALA C 193 -4.38 -3.02 -57.14
N GLN C 194 -5.47 -3.55 -56.57
CA GLN C 194 -6.65 -2.72 -56.33
C GLN C 194 -6.32 -1.67 -55.28
N HIS C 195 -5.57 -2.07 -54.26
CA HIS C 195 -5.22 -1.16 -53.19
C HIS C 195 -4.25 -0.11 -53.69
N LEU C 196 -3.28 -0.53 -54.50
CA LEU C 196 -2.32 0.43 -55.04
C LEU C 196 -3.01 1.48 -55.93
N THR C 197 -3.97 1.03 -56.72
CA THR C 197 -4.79 1.92 -57.55
C THR C 197 -5.52 2.92 -56.68
N HIS C 198 -6.05 2.44 -55.56
CA HIS C 198 -6.76 3.29 -54.62
C HIS C 198 -5.80 4.26 -53.92
N VAL C 199 -4.54 3.83 -53.77
CA VAL C 199 -3.53 4.66 -53.11
C VAL C 199 -3.08 5.79 -54.04
N SER C 200 -2.87 5.46 -55.31
CA SER C 200 -2.51 6.46 -56.30
C SER C 200 -3.66 7.44 -56.51
N GLN C 201 -4.90 6.96 -56.35
CA GLN C 201 -6.10 7.79 -56.43
C GLN C 201 -6.11 8.96 -55.45
N THR C 202 -5.20 8.92 -54.47
CA THR C 202 -5.06 9.98 -53.48
C THR C 202 -3.58 10.29 -53.25
N GLN C 203 -3.11 11.38 -53.85
CA GLN C 203 -1.70 11.76 -53.77
C GLN C 203 -1.51 13.28 -53.81
N MET D 4 21.29 23.04 -0.90
CA MET D 4 21.21 23.92 -2.07
C MET D 4 19.93 23.65 -2.90
N PRO D 5 19.40 24.70 -3.56
CA PRO D 5 18.16 24.62 -4.34
C PRO D 5 18.38 24.47 -5.84
N GLY D 6 17.41 23.86 -6.53
CA GLY D 6 17.42 23.74 -7.99
C GLY D 6 16.07 24.14 -8.56
N PHE D 7 16.03 24.52 -9.85
CA PHE D 7 14.78 25.04 -10.42
C PHE D 7 14.51 24.52 -11.82
N TYR D 8 13.36 23.87 -11.99
CA TYR D 8 12.86 23.54 -13.32
C TYR D 8 12.23 24.79 -13.93
N GLU D 9 12.29 24.89 -15.25
CA GLU D 9 11.66 26.01 -15.94
C GLU D 9 10.59 25.53 -16.90
N ILE D 10 9.35 25.92 -16.64
CA ILE D 10 8.26 25.65 -17.56
C ILE D 10 7.77 26.96 -18.14
N VAL D 11 7.72 27.05 -19.47
CA VAL D 11 7.29 28.30 -20.10
C VAL D 11 5.98 28.05 -20.86
N ILE D 12 5.07 29.01 -20.75
CA ILE D 12 3.70 28.83 -21.21
C ILE D 12 3.26 29.88 -22.25
N LYS D 13 3.25 29.52 -23.53
CA LYS D 13 2.93 30.51 -24.57
C LYS D 13 1.48 30.96 -24.49
N PRO D 41 -0.32 47.38 -8.06
CA PRO D 41 1.02 47.98 -8.05
C PRO D 41 1.27 48.87 -6.83
N PRO D 42 1.47 48.27 -5.63
CA PRO D 42 1.64 49.00 -4.37
C PRO D 42 2.91 49.86 -4.26
N ASP D 43 4.08 49.24 -4.46
CA ASP D 43 5.38 49.93 -4.39
C ASP D 43 5.99 50.13 -5.76
N SER D 44 5.21 49.83 -6.80
CA SER D 44 5.72 49.76 -8.18
C SER D 44 6.39 51.03 -8.71
N ASP D 45 7.47 50.81 -9.45
CA ASP D 45 8.17 51.87 -10.19
C ASP D 45 7.75 51.84 -11.65
N MET D 46 6.75 51.00 -11.94
CA MET D 46 6.36 50.67 -13.31
C MET D 46 5.28 51.60 -13.85
N ASP D 47 5.07 51.55 -15.16
CA ASP D 47 3.96 52.26 -15.79
C ASP D 47 2.96 51.25 -16.36
N LEU D 48 1.71 51.35 -15.93
CA LEU D 48 0.65 50.44 -16.36
C LEU D 48 0.26 50.66 -17.83
N ASN D 49 0.70 51.79 -18.39
CA ASN D 49 0.47 52.11 -19.79
C ASN D 49 0.99 51.02 -20.73
N LEU D 50 2.14 50.46 -20.40
CA LEU D 50 2.80 49.44 -21.21
C LEU D 50 2.22 48.03 -20.98
N ILE D 51 1.47 47.89 -19.89
CA ILE D 51 0.86 46.62 -19.52
C ILE D 51 -0.50 46.44 -20.18
N GLU D 52 -0.77 45.24 -20.68
CA GLU D 52 -2.08 44.91 -21.22
C GLU D 52 -2.81 44.00 -20.23
N GLN D 53 -3.88 44.51 -19.64
CA GLN D 53 -4.45 43.91 -18.43
C GLN D 53 -5.27 42.64 -18.68
N ALA D 54 -5.68 42.40 -19.93
CA ALA D 54 -6.44 41.20 -20.25
C ALA D 54 -5.57 39.94 -20.33
N PRO D 55 -4.39 40.03 -21.00
CA PRO D 55 -3.50 38.87 -20.88
C PRO D 55 -2.90 38.73 -19.48
N LEU D 56 -2.83 39.83 -18.72
CA LEU D 56 -2.37 39.75 -17.34
C LEU D 56 -3.38 38.96 -16.50
N THR D 57 -4.66 39.16 -16.80
CA THR D 57 -5.76 38.54 -16.06
C THR D 57 -5.63 37.02 -16.00
N VAL D 58 -5.47 36.39 -17.17
CA VAL D 58 -5.35 34.93 -17.30
C VAL D 58 -4.05 34.38 -16.71
N ALA D 59 -2.97 35.15 -16.82
CA ALA D 59 -1.67 34.74 -16.30
C ALA D 59 -1.69 34.58 -14.77
N GLU D 60 -2.53 35.36 -14.10
CA GLU D 60 -2.67 35.28 -12.65
C GLU D 60 -3.16 33.90 -12.24
N LYS D 61 -4.24 33.46 -12.87
CA LYS D 61 -4.80 32.15 -12.61
C LYS D 61 -3.80 31.05 -12.95
N LEU D 62 -3.26 31.09 -14.16
CA LEU D 62 -2.28 30.12 -14.65
C LEU D 62 -1.18 29.89 -13.63
N GLN D 63 -0.46 30.96 -13.30
CA GLN D 63 0.58 30.92 -12.28
C GLN D 63 0.03 30.33 -10.97
N ARG D 64 -1.07 30.90 -10.50
CA ARG D 64 -1.76 30.39 -9.30
C ARG D 64 -2.16 28.93 -9.47
N ASP D 65 -2.91 28.62 -10.52
CA ASP D 65 -3.39 27.26 -10.74
C ASP D 65 -2.23 26.29 -10.91
N PHE D 66 -1.18 26.73 -11.58
CA PHE D 66 -0.05 25.84 -11.82
C PHE D 66 0.64 25.55 -10.51
N LEU D 67 0.88 26.60 -9.73
CA LEU D 67 1.61 26.47 -8.48
C LEU D 67 0.87 25.59 -7.48
N THR D 68 -0.43 25.82 -7.31
CA THR D 68 -1.16 25.06 -6.33
C THR D 68 -1.29 23.59 -6.75
N GLU D 69 -1.29 23.34 -8.04
CA GLU D 69 -1.35 21.96 -8.52
C GLU D 69 0.04 21.34 -8.49
N TRP D 70 1.08 22.16 -8.68
CA TRP D 70 2.44 21.67 -8.54
C TRP D 70 2.70 21.29 -7.08
N ARG D 71 2.08 22.02 -6.16
CA ARG D 71 2.29 21.74 -4.75
C ARG D 71 1.73 20.35 -4.42
N ARG D 72 0.68 19.93 -5.12
CA ARG D 72 0.04 18.64 -4.86
C ARG D 72 0.88 17.45 -5.33
N VAL D 73 1.53 17.59 -6.48
CA VAL D 73 2.34 16.51 -7.03
C VAL D 73 3.72 16.46 -6.35
N SER D 74 4.18 17.60 -5.86
CA SER D 74 5.51 17.68 -5.24
C SER D 74 5.46 17.17 -3.81
N LYS D 75 4.26 17.15 -3.24
CA LYS D 75 4.06 16.77 -1.84
C LYS D 75 4.99 17.58 -0.95
N ALA D 76 5.11 18.86 -1.27
CA ALA D 76 5.99 19.76 -0.53
C ALA D 76 5.59 21.22 -0.77
N PRO D 77 4.57 21.69 -0.03
CA PRO D 77 4.14 23.09 -0.13
C PRO D 77 5.25 24.06 0.24
N GLU D 78 4.95 25.36 0.18
CA GLU D 78 5.92 26.41 0.52
C GLU D 78 7.23 26.21 -0.25
N ALA D 79 7.15 25.62 -1.44
CA ALA D 79 8.33 25.48 -2.28
C ALA D 79 8.66 26.82 -2.94
N LEU D 80 9.94 27.14 -3.06
CA LEU D 80 10.33 28.41 -3.68
C LEU D 80 9.94 28.42 -5.16
N PHE D 81 9.47 29.57 -5.64
CA PHE D 81 9.09 29.75 -7.05
C PHE D 81 9.22 31.21 -7.48
N PHE D 82 9.50 31.42 -8.76
CA PHE D 82 9.54 32.77 -9.33
C PHE D 82 8.90 32.75 -10.71
N VAL D 83 7.87 33.56 -10.90
CA VAL D 83 7.14 33.53 -12.15
C VAL D 83 7.18 34.91 -12.77
N GLN D 84 7.50 34.99 -14.07
CA GLN D 84 7.51 36.28 -14.78
C GLN D 84 6.80 36.21 -16.12
N PHE D 85 5.79 37.08 -16.29
CA PHE D 85 5.05 37.21 -17.55
C PHE D 85 5.73 38.25 -18.45
N GLU D 86 5.88 37.94 -19.72
CA GLU D 86 6.59 38.82 -20.65
C GLU D 86 5.88 39.01 -21.98
N LYS D 87 5.97 40.22 -22.52
CA LYS D 87 5.39 40.54 -23.83
C LYS D 87 6.43 40.42 -24.95
N GLY D 88 6.52 39.24 -25.55
CA GLY D 88 7.50 38.95 -26.59
C GLY D 88 7.19 39.58 -27.93
N GLU D 89 7.99 39.25 -28.93
CA GLU D 89 7.86 39.84 -30.26
C GLU D 89 6.59 39.41 -30.97
N SER D 90 6.39 38.09 -31.08
CA SER D 90 5.27 37.54 -31.84
C SER D 90 4.25 36.81 -30.97
N TYR D 91 4.65 36.41 -29.76
CA TYR D 91 3.76 35.68 -28.88
C TYR D 91 3.96 36.10 -27.42
N PHE D 92 2.90 36.01 -26.63
CA PHE D 92 2.91 36.40 -25.22
C PHE D 92 3.25 35.21 -24.33
N HIS D 93 4.47 35.16 -23.79
CA HIS D 93 4.90 34.02 -22.97
C HIS D 93 5.13 34.38 -21.51
N MET D 94 5.46 33.36 -20.71
CA MET D 94 5.63 33.51 -19.26
C MET D 94 6.51 32.40 -18.71
N HIS D 95 7.52 32.76 -17.92
CA HIS D 95 8.48 31.80 -17.42
C HIS D 95 8.19 31.39 -15.98
N VAL D 96 7.84 30.13 -15.79
CA VAL D 96 7.64 29.60 -14.45
C VAL D 96 8.88 28.88 -13.94
N LEU D 97 9.34 29.26 -12.76
CA LEU D 97 10.45 28.58 -12.10
C LEU D 97 9.97 27.94 -10.81
N VAL D 98 10.00 26.62 -10.75
CA VAL D 98 9.63 25.93 -9.52
C VAL D 98 10.82 25.13 -8.99
N GLU D 99 10.94 25.10 -7.67
CA GLU D 99 11.92 24.28 -6.96
C GLU D 99 11.73 22.81 -7.31
N THR D 100 12.84 22.11 -7.57
CA THR D 100 12.77 20.72 -8.03
C THR D 100 12.38 19.75 -6.93
N THR D 101 12.46 20.20 -5.67
CA THR D 101 12.12 19.37 -4.52
C THR D 101 10.73 18.79 -4.68
N GLY D 102 10.62 17.47 -4.50
CA GLY D 102 9.34 16.79 -4.56
C GLY D 102 9.16 16.02 -5.85
N VAL D 103 9.80 16.47 -6.92
CA VAL D 103 9.59 15.89 -8.23
C VAL D 103 10.89 15.50 -8.91
N LYS D 104 11.10 14.19 -9.07
CA LYS D 104 12.28 13.71 -9.76
C LYS D 104 12.20 14.04 -11.23
N SER D 105 13.35 14.29 -11.83
CA SER D 105 13.44 14.64 -13.23
C SER D 105 12.73 13.57 -14.09
N MET D 106 13.02 12.31 -13.79
CA MET D 106 12.39 11.16 -14.47
C MET D 106 10.85 11.19 -14.48
N VAL D 107 10.23 11.66 -13.40
CA VAL D 107 8.77 11.74 -13.35
C VAL D 107 8.18 13.12 -13.66
N LEU D 108 9.02 14.08 -14.08
CA LEU D 108 8.53 15.44 -14.32
C LEU D 108 7.51 15.52 -15.45
N GLY D 109 7.81 14.85 -16.56
CA GLY D 109 6.96 14.90 -17.73
C GLY D 109 5.55 14.38 -17.51
N ARG D 110 5.41 13.29 -16.75
CA ARG D 110 4.10 12.72 -16.50
C ARG D 110 3.31 13.59 -15.52
N PHE D 111 4.00 14.29 -14.62
CA PHE D 111 3.29 15.19 -13.71
C PHE D 111 2.89 16.47 -14.42
N LEU D 112 3.77 16.98 -15.28
CA LEU D 112 3.47 18.20 -16.02
C LEU D 112 2.28 18.00 -16.95
N SER D 113 2.16 16.80 -17.53
CA SER D 113 1.04 16.48 -18.41
C SER D 113 -0.26 16.45 -17.62
N GLN D 114 -0.18 15.90 -16.41
CA GLN D 114 -1.30 15.90 -15.49
C GLN D 114 -1.71 17.35 -15.25
N ILE D 115 -0.75 18.18 -14.85
CA ILE D 115 -1.02 19.59 -14.62
C ILE D 115 -1.54 20.26 -15.89
N ARG D 116 -0.89 20.00 -17.03
CA ARG D 116 -1.29 20.64 -18.29
C ARG D 116 -2.75 20.32 -18.65
N GLU D 117 -3.18 19.07 -18.44
CA GLU D 117 -4.58 18.73 -18.61
C GLU D 117 -5.42 19.53 -17.64
N LYS D 118 -5.09 19.41 -16.35
CA LYS D 118 -5.87 20.00 -15.26
C LYS D 118 -6.04 21.50 -15.46
N LEU D 119 -5.05 22.12 -16.11
CA LEU D 119 -5.15 23.52 -16.43
C LEU D 119 -6.19 23.74 -17.52
N ILE D 120 -6.18 22.91 -18.57
CA ILE D 120 -7.12 23.11 -19.68
C ILE D 120 -8.58 22.91 -19.23
N GLN D 121 -8.79 22.15 -18.16
CA GLN D 121 -10.14 22.00 -17.64
C GLN D 121 -10.52 23.22 -16.79
N ARG D 122 -9.63 23.66 -15.91
CA ARG D 122 -9.96 24.74 -14.98
C ARG D 122 -10.01 26.13 -15.64
N ILE D 123 -9.14 26.41 -16.61
CA ILE D 123 -9.12 27.75 -17.21
C ILE D 123 -9.55 27.80 -18.68
N TYR D 124 -9.33 26.72 -19.43
CA TYR D 124 -9.63 26.73 -20.85
C TYR D 124 -10.96 26.04 -21.15
N ARG D 125 -11.69 25.70 -20.10
CA ARG D 125 -12.98 25.01 -20.21
C ARG D 125 -12.90 23.70 -21.00
N GLY D 126 -11.71 23.10 -21.06
CA GLY D 126 -11.54 21.82 -21.72
C GLY D 126 -11.11 21.93 -23.18
N ILE D 127 -10.97 23.15 -23.68
CA ILE D 127 -10.51 23.38 -25.04
C ILE D 127 -9.01 23.73 -25.05
N GLU D 128 -8.21 22.90 -25.71
CA GLU D 128 -6.75 23.10 -25.77
C GLU D 128 -6.40 24.35 -26.56
N PRO D 129 -5.54 25.20 -25.98
CA PRO D 129 -5.08 26.47 -26.57
C PRO D 129 -4.52 26.31 -27.98
N THR D 130 -4.94 27.20 -28.88
CA THR D 130 -4.49 27.17 -30.26
C THR D 130 -3.16 27.89 -30.42
N LEU D 131 -2.14 27.46 -29.68
CA LEU D 131 -0.82 28.08 -29.77
C LEU D 131 0.27 27.01 -29.84
N PRO D 132 1.27 27.22 -30.72
CA PRO D 132 2.37 26.27 -30.88
C PRO D 132 3.24 26.21 -29.64
N ASN D 133 3.38 25.02 -29.06
CA ASN D 133 4.19 24.81 -27.87
C ASN D 133 3.75 25.67 -26.69
N TRP D 134 2.44 25.80 -26.54
CA TRP D 134 1.87 26.68 -25.51
C TRP D 134 2.26 26.22 -24.11
N PHE D 135 2.58 24.94 -23.97
CA PHE D 135 3.04 24.44 -22.68
C PHE D 135 4.31 23.64 -22.87
N ALA D 136 5.45 24.27 -22.59
CA ALA D 136 6.75 23.66 -22.84
C ALA D 136 7.64 23.78 -21.62
N VAL D 137 8.50 22.79 -21.43
CA VAL D 137 9.44 22.77 -20.33
C VAL D 137 10.82 22.82 -20.97
N THR D 138 11.77 23.46 -20.29
CA THR D 138 13.08 23.72 -20.87
C THR D 138 13.99 22.52 -20.73
N LYS D 139 14.62 22.13 -21.84
CA LYS D 139 15.53 21.00 -21.87
C LYS D 139 16.96 21.48 -22.03
N THR D 140 17.91 20.63 -21.66
CA THR D 140 19.34 21.01 -21.64
C THR D 140 19.90 21.24 -23.03
N ARG D 141 19.21 20.78 -24.05
CA ARG D 141 19.54 21.07 -25.43
C ARG D 141 18.21 21.40 -26.08
N ASN D 142 18.26 22.04 -27.23
CA ASN D 142 17.03 22.56 -27.78
C ASN D 142 16.43 21.54 -28.71
N GLY D 143 17.26 20.63 -29.19
CA GLY D 143 16.77 19.56 -30.01
C GLY D 143 16.05 18.57 -29.14
N ALA D 144 15.91 17.35 -29.64
CA ALA D 144 15.16 16.34 -28.93
C ALA D 144 16.05 15.38 -28.21
N GLY D 145 15.68 15.01 -27.01
CA GLY D 145 16.40 13.98 -26.30
C GLY D 145 17.46 14.53 -25.41
N GLY D 146 17.09 15.52 -24.64
CA GLY D 146 18.01 16.07 -23.67
C GLY D 146 17.47 15.76 -22.33
N GLY D 147 17.83 16.56 -21.34
CA GLY D 147 17.33 16.36 -20.01
C GLY D 147 16.40 17.48 -19.69
N ASN D 148 15.59 17.30 -18.67
CA ASN D 148 14.92 18.46 -18.06
C ASN D 148 15.96 19.37 -17.44
N LYS D 149 15.97 20.63 -17.87
CA LYS D 149 16.98 21.55 -17.35
C LYS D 149 16.69 22.02 -15.92
N VAL D 150 17.71 21.92 -15.08
CA VAL D 150 17.71 22.53 -13.74
C VAL D 150 18.53 23.81 -13.77
N VAL D 151 17.96 24.93 -13.31
CA VAL D 151 18.79 26.14 -13.17
C VAL D 151 18.90 26.62 -11.73
N ASP D 152 20.11 27.08 -11.42
CA ASP D 152 20.47 27.81 -10.22
C ASP D 152 19.61 29.06 -10.00
N GLU D 153 19.55 29.57 -8.77
CA GLU D 153 18.88 30.84 -8.50
C GLU D 153 19.43 32.00 -9.33
N SER D 154 20.71 31.87 -9.71
CA SER D 154 21.43 32.84 -10.53
C SER D 154 20.66 33.25 -11.78
N TYR D 155 19.82 32.35 -12.24
CA TYR D 155 19.08 32.53 -13.48
C TYR D 155 18.20 33.76 -13.41
N ILE D 156 17.74 34.08 -12.21
CA ILE D 156 16.80 35.18 -12.06
C ILE D 156 17.49 36.54 -12.26
N PRO D 157 18.61 36.81 -11.55
CA PRO D 157 19.28 38.07 -11.93
C PRO D 157 19.80 38.05 -13.37
N ASN D 158 20.50 36.99 -13.75
CA ASN D 158 21.13 36.90 -15.08
C ASN D 158 20.18 37.13 -16.25
N PHE D 159 18.98 36.55 -16.18
CA PHE D 159 18.14 36.47 -17.38
C PHE D 159 16.73 37.03 -17.29
N LEU D 160 16.14 37.06 -16.11
CA LEU D 160 14.78 37.57 -16.00
C LEU D 160 14.70 39.08 -15.61
N LEU D 161 15.37 39.44 -14.52
CA LEU D 161 15.36 40.80 -14.00
C LEU D 161 15.78 41.93 -14.97
N PRO D 162 16.81 41.71 -15.82
CA PRO D 162 17.22 42.82 -16.69
C PRO D 162 16.14 43.29 -17.66
N LYS D 163 15.26 42.37 -18.03
CA LYS D 163 14.17 42.65 -18.97
C LYS D 163 13.43 43.92 -18.59
N THR D 164 13.30 44.84 -19.54
CA THR D 164 12.62 46.09 -19.24
C THR D 164 11.30 46.18 -20.00
N GLN D 165 10.42 47.05 -19.53
CA GLN D 165 9.16 47.35 -20.19
C GLN D 165 9.47 48.07 -21.50
N PRO D 166 8.69 47.81 -22.57
CA PRO D 166 7.43 47.06 -22.64
C PRO D 166 7.54 45.54 -22.49
N GLU D 167 8.71 44.96 -22.68
CA GLU D 167 8.84 43.49 -22.70
C GLU D 167 8.44 42.84 -21.38
N LEU D 168 8.72 43.49 -20.26
CA LEU D 168 8.28 43.02 -18.95
C LEU D 168 6.81 43.37 -18.72
N GLN D 169 6.03 42.42 -18.20
CA GLN D 169 4.60 42.65 -17.98
C GLN D 169 4.20 42.49 -16.50
N TRP D 170 4.70 41.44 -15.86
CA TRP D 170 4.45 41.21 -14.44
C TRP D 170 5.33 40.09 -13.88
N ALA D 171 5.33 39.92 -12.58
CA ALA D 171 6.02 38.82 -11.92
C ALA D 171 5.44 38.47 -10.55
N TRP D 172 5.64 37.23 -10.13
CA TRP D 172 5.24 36.76 -8.81
C TRP D 172 6.35 35.92 -8.21
N THR D 173 6.54 35.99 -6.90
CA THR D 173 7.55 35.16 -6.27
C THR D 173 7.21 34.75 -4.85
N ASN D 174 7.75 33.59 -4.49
CA ASN D 174 7.65 33.07 -3.15
C ASN D 174 8.80 33.56 -2.30
N MET D 175 9.88 33.92 -2.99
CA MET D 175 11.20 34.00 -2.39
C MET D 175 11.55 35.37 -1.80
N GLU D 176 11.95 35.36 -0.53
CA GLU D 176 12.32 36.55 0.22
C GLU D 176 13.09 37.58 -0.59
N GLN D 177 14.26 37.16 -1.09
CA GLN D 177 15.19 38.05 -1.77
C GLN D 177 14.57 38.88 -2.89
N TYR D 178 13.50 38.37 -3.48
CA TYR D 178 13.00 38.98 -4.72
C TYR D 178 11.58 39.53 -4.57
N LEU D 179 11.06 39.51 -3.34
CA LEU D 179 9.72 40.01 -3.06
C LEU D 179 9.49 41.41 -3.64
N SER D 180 10.49 42.28 -3.48
CA SER D 180 10.39 43.67 -3.89
C SER D 180 10.74 43.88 -5.36
N ALA D 181 11.54 42.99 -5.93
CA ALA D 181 12.11 43.21 -7.24
C ALA D 181 11.19 42.85 -8.41
N CYS D 182 10.02 42.27 -8.12
CA CYS D 182 9.09 41.91 -9.18
C CYS D 182 8.40 43.14 -9.74
N LEU D 183 7.57 43.76 -8.92
CA LEU D 183 6.74 44.87 -9.37
C LEU D 183 7.54 46.13 -9.72
N ASN D 184 8.48 46.51 -8.84
CA ASN D 184 9.25 47.75 -9.00
C ASN D 184 10.54 47.60 -9.82
N LEU D 185 10.61 48.32 -10.94
CA LEU D 185 11.71 48.22 -11.89
C LEU D 185 13.06 48.54 -11.28
N THR D 186 13.15 49.67 -10.60
CA THR D 186 14.43 50.23 -10.19
C THR D 186 15.28 49.24 -9.38
N GLU D 187 14.64 48.47 -8.51
CA GLU D 187 15.36 47.47 -7.73
C GLU D 187 15.84 46.30 -8.58
N ARG D 188 15.24 46.12 -9.75
CA ARG D 188 15.73 45.10 -10.67
C ARG D 188 17.08 45.55 -11.22
N LYS D 189 17.22 46.84 -11.48
CA LYS D 189 18.49 47.43 -11.91
C LYS D 189 19.55 47.27 -10.81
N ARG D 190 19.12 47.49 -9.57
CA ARG D 190 20.00 47.33 -8.41
C ARG D 190 20.50 45.91 -8.29
N LEU D 191 19.57 44.96 -8.34
CA LEU D 191 19.87 43.56 -8.06
C LEU D 191 20.64 42.88 -9.17
N VAL D 192 20.52 43.38 -10.40
CA VAL D 192 21.26 42.80 -11.51
C VAL D 192 22.71 43.30 -11.46
N ALA D 193 22.89 44.53 -10.99
CA ALA D 193 24.22 45.10 -10.85
C ALA D 193 25.00 44.40 -9.75
N GLN D 194 24.32 44.15 -8.62
CA GLN D 194 24.97 43.52 -7.47
C GLN D 194 25.49 42.14 -7.80
N HIS D 195 24.72 41.40 -8.59
CA HIS D 195 25.08 40.03 -8.93
C HIS D 195 26.17 39.99 -9.98
N LEU D 196 26.04 40.83 -11.01
CA LEU D 196 27.10 40.98 -12.00
C LEU D 196 28.41 41.31 -11.33
N THR D 197 28.36 42.19 -10.32
CA THR D 197 29.53 42.53 -9.54
C THR D 197 30.09 41.30 -8.83
N HIS D 198 29.19 40.47 -8.31
CA HIS D 198 29.57 39.26 -7.60
C HIS D 198 30.23 38.27 -8.55
N VAL D 199 29.68 38.15 -9.75
CA VAL D 199 30.23 37.24 -10.75
C VAL D 199 31.58 37.77 -11.22
N SER D 200 31.68 39.08 -11.36
CA SER D 200 32.94 39.73 -11.76
C SER D 200 34.08 39.48 -10.78
N GLN D 201 33.78 39.59 -9.49
CA GLN D 201 34.77 39.33 -8.47
C GLN D 201 35.16 37.84 -8.46
N THR D 202 34.18 36.97 -8.65
CA THR D 202 34.41 35.54 -8.77
C THR D 202 35.29 35.21 -9.98
N GLN D 203 34.97 35.78 -11.14
CA GLN D 203 35.80 35.59 -12.32
C GLN D 203 37.26 35.94 -12.03
N GLU D 204 37.48 37.12 -11.47
CA GLU D 204 38.83 37.56 -11.11
C GLU D 204 39.49 36.60 -10.12
N GLN D 205 38.75 36.18 -9.10
CA GLN D 205 39.31 35.35 -8.04
C GLN D 205 39.88 34.06 -8.63
N ASN D 206 39.15 33.51 -9.60
CA ASN D 206 39.50 32.28 -10.30
C ASN D 206 40.72 32.41 -11.21
N LYS D 207 40.76 33.48 -11.98
CA LYS D 207 41.87 33.75 -12.90
C LYS D 207 43.15 34.06 -12.11
N GLU D 208 42.97 34.61 -10.91
CA GLU D 208 44.07 34.80 -9.98
C GLU D 208 44.47 33.49 -9.31
N ASN D 209 43.71 32.43 -9.58
CA ASN D 209 44.04 31.08 -9.12
C ASN D 209 44.58 30.19 -10.26
N GLN D 210 44.99 30.85 -11.36
CA GLN D 210 45.50 30.21 -12.58
C GLN D 210 44.37 29.51 -13.34
#